data_7DFH
#
_entry.id   7DFH
#
loop_
_entity.id
_entity.type
_entity.pdbx_description
1 polymer 'RNA-directed RNA polymeras'
2 polymer 'Non-structural protein 8'
3 polymer 'Non-structural protein 7'
4 polymer "RNA (5'-R(P*GP*CP*UP*AP*UP*GP*UP*G*(LIG))-3')"
5 polymer "RNA (5'-R(P*CP*CP*CP*CP*CP*AP*CP*AP*UP*AP*GP*C)-3')"
6 non-polymer 'ZINC ION'
7 non-polymer 'MAGNESIUM ION'
8 non-polymer 'PYROPHOSPHATE 2-'
9 non-polymer 'RIBAVIRIN MONOPHOSPHATE'
10 water water
#
loop_
_entity_poly.entity_id
_entity_poly.type
_entity_poly.pdbx_seq_one_letter_code
_entity_poly.pdbx_strand_id
1 'polypeptide(L)'
;MSADAQSFLNRVCGVSAARLTPCGTGTSTDVVYRAFDIYNDKVAGFAKFLKTNCCRFQEKDEDDNLIDSYFVVKRHTFSN
YQHEETIYNLLKDCPAVAKHDFFKFRIDGDMVPHISRQRLTKYTMADLVYALRHFDEGNCDTLKEILVTYNCCDDDYFNK
KDWYDFVENPDILRVYANLGERVRQALLKTVQFCDAMRNAGIVGVLTLDNQDLNGNWYDFGDFIQTTPGSGVPVVDSYYS
LLMPILTLTRALTAESHVDTDLTKPYIKWDLLKYDFTEERLKLFDRYFKYWDQTYHPNCVNCLDDRCILHCANFNVLFST
VFPPTSFGPLVRKIFVDGVPFVVSTGYHFRELGVVHNQDVNLHSSRLSFKELLVYAADPAMHAASGNLLLDKRTTCFSVA
ALTNNVAFQTVKPGNFNKDFYDFAVSKGFFKEGSSVELKHFFFAQDGNAAISDYDYYRYNLPTMCDIRQLLFVVEVVDKY
FDCYDGGCINANQVIVNNLDKSAGFPFNKWGKARLYYDSMSYEDQDALFAYTKRNVIPTITQMNLKYAISAKNRARTVAG
VSICSTMTNRQFHQKLLKSIAATRGATVVIGTSKFYGGWHNMLKTVYSDVENPHLMGWDYPKCDRAMPNMLRIMASLVLA
RKHTTCCSLSHRFYRLANECAQVLSEMVMCGGSLYVKPGGTSSGDATTAYANSVFNICQAVTANVNALLSTDGNKIADKY
VRNLQHRLYECLYRNRDVDTDFVNEFYAYLRKHFSMMILSDDAVVCFNSTYASQGLVASIKNFKSVLYYQNNVFMSEAKC
WTETDLTKGPHEFCSQHTMLVKQGDDYVYLPYPDPSRILGAGCFVDDIVKTDGTLMIERFVSLAIDAYPLTKHPNQEYAD
VFHLYLQYIRKLHDELTGHMLDMYSVMLTNDNTSRYWEPEFYEAMYTPHTVLQGGSENLYFQG
;
A
2 'polypeptide(L)'
;MAIASEFSSLPSYAAFATAQEAYEQAVANGDSEVVLKKLKKSLNVAKSEFDRDAAMQRKLEKMADQAMTQMYKQARSEDK
RAKVTSAMQTMLFTMLRKLDNDALNNIINNARDGCVPLNIIPLTTAAKLMVVIPDYNTYKNTCDGTTFTYASALWEIQQV
VDADSKIVQLSEISMDNSPNLAWPLIVTALRANSAVKLQ
;
B,G
3 'polypeptide(L)'
;MSKMSDVKCTSVVLLSVLQQLRVESSSKLWAQCVQLHNDILLAKDTTEAFEKMVSLLSVLLSMQGAVDINKLCEEMLDNR
ATLQ
;
C
4 'polyribonucleotide' GCUAUGUG P
5 'polyribonucleotide' CCCCCACAUAGC T
#
# COMPACT_ATOMS: atom_id res chain seq x y z
N GLN A 6 -44.79 -23.98 31.25
CA GLN A 6 -43.67 -23.14 31.67
C GLN A 6 -42.70 -23.96 32.51
N SER A 7 -42.91 -25.28 32.54
CA SER A 7 -42.13 -26.14 33.43
C SER A 7 -40.70 -26.34 32.92
N PHE A 8 -40.54 -26.44 31.61
CA PHE A 8 -39.20 -26.59 31.04
C PHE A 8 -38.39 -25.31 31.20
N LEU A 9 -39.05 -24.15 31.06
CA LEU A 9 -38.38 -22.89 31.30
C LEU A 9 -38.12 -22.68 32.78
N ASN A 10 -38.92 -23.32 33.64
CA ASN A 10 -38.65 -23.31 35.07
C ASN A 10 -37.52 -24.27 35.42
N ARG A 11 -37.27 -25.27 34.57
CA ARG A 11 -36.23 -26.23 34.85
C ARG A 11 -34.87 -25.75 34.37
N VAL A 12 -34.84 -25.00 33.26
CA VAL A 12 -33.58 -24.59 32.67
C VAL A 12 -32.85 -23.55 33.54
N CYS A 13 -33.59 -22.76 34.32
CA CYS A 13 -32.93 -21.79 35.19
C CYS A 13 -32.24 -22.47 36.36
N GLY A 14 -32.90 -23.44 36.98
CA GLY A 14 -32.26 -24.27 37.97
C GLY A 14 -31.98 -23.53 39.26
N VAL A 15 -30.72 -23.62 39.73
CA VAL A 15 -30.29 -22.89 40.92
C VAL A 15 -29.48 -21.65 40.56
N SER A 16 -29.36 -21.32 39.29
CA SER A 16 -28.57 -20.15 38.88
C SER A 16 -29.32 -18.85 39.18
N ALA A 17 -30.65 -18.93 39.35
CA ALA A 17 -31.55 -17.80 39.64
C ALA A 17 -31.45 -16.71 38.57
N ALA A 18 -31.83 -17.06 37.35
CA ALA A 18 -31.78 -16.15 36.22
C ALA A 18 -33.16 -16.04 35.59
N ARG A 19 -33.58 -14.80 35.30
CA ARG A 19 -34.84 -14.59 34.60
C ARG A 19 -34.66 -14.87 33.12
N LEU A 20 -35.50 -15.76 32.59
CA LEU A 20 -35.29 -16.30 31.25
C LEU A 20 -36.54 -16.10 30.40
N THR A 21 -36.32 -15.82 29.11
CA THR A 21 -37.37 -15.77 28.10
C THR A 21 -36.98 -16.65 26.92
N PRO A 22 -37.94 -17.32 26.28
CA PRO A 22 -37.61 -18.19 25.13
C PRO A 22 -37.21 -17.39 23.90
N CYS A 23 -35.99 -17.63 23.42
CA CYS A 23 -35.52 -16.96 22.21
C CYS A 23 -36.18 -17.56 20.97
N GLY A 24 -36.34 -18.88 20.95
CA GLY A 24 -37.13 -19.51 19.92
C GLY A 24 -38.48 -19.95 20.44
N THR A 25 -39.15 -20.78 19.66
CA THR A 25 -40.39 -21.40 20.11
C THR A 25 -40.09 -22.36 21.25
N GLY A 26 -40.91 -22.30 22.30
CA GLY A 26 -40.61 -23.03 23.51
C GLY A 26 -40.77 -24.54 23.34
N THR A 27 -40.14 -25.28 24.27
CA THR A 27 -40.05 -26.77 24.35
C THR A 27 -39.77 -27.44 23.00
N SER A 28 -39.00 -26.78 22.16
CA SER A 28 -38.56 -27.32 20.88
C SER A 28 -37.31 -26.57 20.44
N THR A 29 -36.55 -27.21 19.56
CA THR A 29 -35.24 -26.68 19.21
C THR A 29 -35.35 -25.59 18.14
N ASP A 30 -34.48 -24.59 18.26
CA ASP A 30 -34.41 -23.47 17.33
C ASP A 30 -33.39 -23.79 16.24
N VAL A 31 -33.58 -23.22 15.06
CA VAL A 31 -32.72 -23.46 13.92
C VAL A 31 -31.95 -22.19 13.61
N VAL A 32 -30.63 -22.23 13.85
CA VAL A 32 -29.78 -21.07 13.61
C VAL A 32 -28.86 -21.37 12.44
N TYR A 33 -28.20 -20.34 11.93
CA TYR A 33 -27.33 -20.45 10.76
C TYR A 33 -25.97 -19.87 11.11
N ARG A 34 -25.12 -20.69 11.72
CA ARG A 34 -23.83 -20.24 12.23
C ARG A 34 -22.71 -20.95 11.47
N ALA A 35 -21.50 -20.41 11.62
CA ALA A 35 -20.35 -21.00 10.96
C ALA A 35 -19.72 -22.07 11.84
N PHE A 36 -19.27 -23.14 11.21
CA PHE A 36 -18.73 -24.29 11.93
C PHE A 36 -17.39 -24.70 11.34
N ASP A 37 -16.61 -25.40 12.15
CA ASP A 37 -15.36 -26.03 11.72
C ASP A 37 -15.53 -27.54 11.85
N ILE A 38 -15.68 -28.21 10.72
CA ILE A 38 -16.14 -29.59 10.66
C ILE A 38 -15.04 -30.43 10.03
N TYR A 39 -14.76 -31.60 10.62
CA TYR A 39 -13.94 -32.62 9.97
C TYR A 39 -14.45 -34.00 10.36
N ASN A 40 -15.24 -34.60 9.47
CA ASN A 40 -15.67 -35.98 9.61
C ASN A 40 -15.15 -36.74 8.39
N ASP A 41 -15.60 -37.99 8.25
CA ASP A 41 -15.30 -38.70 7.02
C ASP A 41 -16.24 -38.26 5.89
N LYS A 42 -17.37 -37.66 6.24
CA LYS A 42 -18.30 -37.20 5.23
C LYS A 42 -17.91 -35.83 4.69
N VAL A 43 -17.88 -34.83 5.57
CA VAL A 43 -17.75 -33.44 5.17
C VAL A 43 -16.63 -32.79 5.99
N ALA A 44 -15.85 -31.92 5.35
CA ALA A 44 -14.79 -31.19 6.01
C ALA A 44 -14.72 -29.79 5.43
N GLY A 45 -14.47 -28.81 6.28
CA GLY A 45 -14.32 -27.44 5.83
C GLY A 45 -14.74 -26.46 6.90
N PHE A 46 -14.58 -25.18 6.58
CA PHE A 46 -14.91 -24.08 7.47
C PHE A 46 -16.00 -23.26 6.80
N ALA A 47 -17.25 -23.65 7.02
CA ALA A 47 -18.37 -23.07 6.28
C ALA A 47 -19.52 -22.87 7.25
N LYS A 48 -20.63 -22.37 6.74
CA LYS A 48 -21.83 -22.10 7.53
C LYS A 48 -22.82 -23.24 7.38
N PHE A 49 -23.38 -23.69 8.49
CA PHE A 49 -24.33 -24.79 8.50
C PHE A 49 -25.54 -24.41 9.34
N LEU A 50 -26.53 -25.28 9.34
CA LEU A 50 -27.70 -25.11 10.20
C LEU A 50 -27.57 -25.99 11.43
N LYS A 51 -27.77 -25.40 12.60
CA LYS A 51 -27.67 -26.10 13.87
C LYS A 51 -29.07 -26.26 14.46
N THR A 52 -29.60 -27.49 14.42
CA THR A 52 -31.00 -27.72 14.72
C THR A 52 -31.24 -28.54 15.98
N ASN A 53 -30.24 -28.77 16.81
CA ASN A 53 -30.40 -29.60 18.00
C ASN A 53 -30.38 -28.81 19.29
N CYS A 54 -30.45 -27.49 19.22
CA CYS A 54 -30.29 -26.63 20.39
C CYS A 54 -31.51 -25.72 20.55
N CYS A 55 -32.06 -25.67 21.76
CA CYS A 55 -33.12 -24.72 22.11
C CYS A 55 -32.55 -23.69 23.06
N ARG A 56 -32.68 -22.42 22.70
CA ARG A 56 -31.92 -21.34 23.30
C ARG A 56 -32.84 -20.40 24.04
N PHE A 57 -32.39 -19.93 25.21
CA PHE A 57 -33.15 -19.03 26.06
C PHE A 57 -32.29 -17.83 26.41
N GLN A 58 -32.82 -16.62 26.21
CA GLN A 58 -32.09 -15.42 26.58
C GLN A 58 -32.42 -14.99 28.00
N GLU A 59 -31.40 -14.48 28.68
CA GLU A 59 -31.48 -14.09 30.09
C GLU A 59 -31.79 -12.60 30.16
N LYS A 60 -32.69 -12.24 31.08
CA LYS A 60 -33.17 -10.87 31.21
C LYS A 60 -32.68 -10.25 32.50
N ASP A 61 -32.50 -8.93 32.49
CA ASP A 61 -32.08 -8.18 33.66
C ASP A 61 -33.33 -7.75 34.44
N GLU A 62 -33.13 -6.96 35.50
CA GLU A 62 -34.27 -6.52 36.30
C GLU A 62 -35.04 -5.42 35.60
N ASP A 63 -34.35 -4.59 34.81
CA ASP A 63 -35.04 -3.58 34.01
C ASP A 63 -35.52 -4.12 32.67
N ASP A 64 -35.37 -5.43 32.44
CA ASP A 64 -35.89 -6.24 31.33
C ASP A 64 -35.35 -5.85 29.96
N ASN A 65 -34.23 -5.16 29.87
CA ASN A 65 -33.51 -5.10 28.60
C ASN A 65 -32.72 -6.40 28.41
N LEU A 66 -32.51 -6.77 27.15
CA LEU A 66 -31.94 -8.09 26.87
C LEU A 66 -30.45 -8.11 27.17
N ILE A 67 -29.95 -9.28 27.58
CA ILE A 67 -28.57 -9.48 27.99
C ILE A 67 -27.91 -10.47 27.03
N ASP A 68 -26.59 -10.35 26.85
CA ASP A 68 -25.86 -11.20 25.91
C ASP A 68 -25.72 -12.64 26.40
N SER A 69 -26.12 -12.94 27.63
CA SER A 69 -25.99 -14.29 28.15
C SER A 69 -27.16 -15.16 27.69
N TYR A 70 -26.86 -16.38 27.26
CA TYR A 70 -27.85 -17.31 26.71
C TYR A 70 -27.75 -18.64 27.43
N PHE A 71 -28.83 -19.43 27.37
CA PHE A 71 -28.84 -20.78 27.92
C PHE A 71 -29.09 -21.77 26.79
N VAL A 72 -28.02 -22.19 26.12
CA VAL A 72 -28.11 -23.08 24.97
C VAL A 72 -28.31 -24.50 25.48
N VAL A 73 -29.50 -25.05 25.29
CA VAL A 73 -29.83 -26.40 25.73
C VAL A 73 -29.84 -27.30 24.51
N LYS A 74 -28.90 -28.24 24.46
CA LYS A 74 -28.83 -29.24 23.41
C LYS A 74 -29.26 -30.58 23.99
N ARG A 75 -30.32 -31.16 23.44
CA ARG A 75 -30.73 -32.51 23.78
C ARG A 75 -30.22 -33.46 22.71
N HIS A 76 -29.48 -34.47 23.14
CA HIS A 76 -28.84 -35.41 22.23
C HIS A 76 -29.12 -36.83 22.68
N THR A 77 -28.40 -37.79 22.12
CA THR A 77 -28.51 -39.19 22.52
C THR A 77 -28.05 -39.37 23.96
N PHE A 78 -28.45 -40.49 24.56
CA PHE A 78 -28.08 -40.79 25.94
C PHE A 78 -26.60 -41.10 26.06
N SER A 79 -26.00 -41.63 24.99
CA SER A 79 -24.58 -41.98 24.99
C SER A 79 -23.71 -40.74 25.13
N ASN A 80 -23.99 -39.71 24.34
CA ASN A 80 -23.23 -38.47 24.44
C ASN A 80 -23.52 -37.74 25.75
N TYR A 81 -24.72 -37.92 26.30
CA TYR A 81 -25.05 -37.37 27.60
C TYR A 81 -24.18 -37.95 28.71
N GLN A 82 -24.12 -39.28 28.79
CA GLN A 82 -23.31 -39.93 29.82
C GLN A 82 -21.82 -39.68 29.60
N HIS A 83 -21.40 -39.62 28.33
CA HIS A 83 -20.00 -39.37 28.00
C HIS A 83 -19.58 -37.95 28.40
N GLU A 84 -20.44 -36.95 28.11
CA GLU A 84 -20.09 -35.59 28.46
C GLU A 84 -20.21 -35.34 29.95
N GLU A 85 -21.08 -36.08 30.64
CA GLU A 85 -21.12 -35.97 32.10
C GLU A 85 -19.84 -36.53 32.71
N THR A 86 -19.38 -37.69 32.21
CA THR A 86 -18.14 -38.30 32.67
C THR A 86 -16.94 -37.39 32.42
N ILE A 87 -16.93 -36.68 31.28
CA ILE A 87 -15.77 -35.85 30.97
C ILE A 87 -15.87 -34.49 31.68
N TYR A 88 -17.08 -33.93 31.80
CA TYR A 88 -17.23 -32.64 32.46
C TYR A 88 -16.97 -32.74 33.96
N ASN A 89 -17.21 -33.91 34.55
CA ASN A 89 -16.81 -34.11 35.94
C ASN A 89 -15.28 -34.09 36.10
N LEU A 90 -14.55 -34.38 35.01
CA LEU A 90 -13.11 -34.24 35.02
C LEU A 90 -12.63 -32.87 34.54
N LEU A 91 -13.53 -31.91 34.36
CA LEU A 91 -13.14 -30.59 33.86
C LEU A 91 -13.86 -29.44 34.53
N LYS A 92 -14.67 -29.69 35.55
CA LYS A 92 -15.45 -28.61 36.16
C LYS A 92 -14.62 -27.70 37.05
N ASP A 93 -13.36 -28.05 37.32
CA ASP A 93 -12.52 -27.20 38.16
C ASP A 93 -11.68 -26.23 37.35
N CYS A 94 -11.70 -26.33 36.03
CA CYS A 94 -11.09 -25.29 35.21
C CYS A 94 -11.97 -24.05 35.21
N PRO A 95 -11.39 -22.85 35.30
CA PRO A 95 -12.20 -21.63 35.21
C PRO A 95 -12.75 -21.36 33.83
N ALA A 96 -12.08 -21.83 32.77
CA ALA A 96 -12.46 -21.50 31.40
C ALA A 96 -13.39 -22.53 30.77
N VAL A 97 -14.19 -23.22 31.58
CA VAL A 97 -15.18 -24.17 31.09
C VAL A 97 -16.55 -23.66 31.51
N ALA A 98 -17.45 -23.51 30.54
CA ALA A 98 -18.79 -23.03 30.81
C ALA A 98 -19.56 -24.05 31.64
N LYS A 99 -20.47 -23.55 32.47
CA LYS A 99 -21.21 -24.43 33.37
C LYS A 99 -22.23 -25.26 32.61
N HIS A 100 -22.23 -26.56 32.88
CA HIS A 100 -23.15 -27.49 32.24
C HIS A 100 -24.05 -28.10 33.30
N ASP A 101 -25.35 -28.07 33.06
CA ASP A 101 -26.32 -28.67 33.96
C ASP A 101 -26.99 -29.83 33.24
N PHE A 102 -26.83 -31.03 33.77
CA PHE A 102 -27.30 -32.26 33.14
C PHE A 102 -28.58 -32.71 33.82
N PHE A 103 -29.66 -32.83 33.04
CA PHE A 103 -30.94 -33.25 33.59
C PHE A 103 -31.74 -33.95 32.50
N LYS A 104 -32.90 -34.48 32.91
CA LYS A 104 -33.78 -35.21 32.00
C LYS A 104 -35.20 -34.67 32.14
N PHE A 105 -35.99 -34.80 31.08
CA PHE A 105 -37.31 -34.19 31.02
C PHE A 105 -38.22 -35.04 30.14
N ARG A 106 -39.50 -35.06 30.48
CA ARG A 106 -40.49 -35.90 29.81
C ARG A 106 -41.26 -35.06 28.80
N ILE A 107 -40.83 -35.08 27.54
CA ILE A 107 -41.56 -34.46 26.45
C ILE A 107 -42.50 -35.44 25.76
N ASP A 108 -42.20 -36.73 25.81
CA ASP A 108 -43.06 -37.78 25.27
C ASP A 108 -44.40 -37.87 26.02
N MET A 111 -38.55 -40.04 29.01
CA MET A 111 -37.60 -38.98 29.29
C MET A 111 -36.50 -38.94 28.25
N VAL A 112 -35.98 -37.74 27.99
CA VAL A 112 -34.89 -37.53 27.04
C VAL A 112 -33.80 -36.76 27.77
N PRO A 113 -32.52 -37.09 27.59
CA PRO A 113 -31.45 -36.36 28.29
C PRO A 113 -31.27 -34.96 27.74
N HIS A 114 -30.98 -34.01 28.64
CA HIS A 114 -30.82 -32.61 28.29
C HIS A 114 -29.52 -32.08 28.85
N ILE A 115 -28.79 -31.33 28.03
CA ILE A 115 -27.53 -30.70 28.43
C ILE A 115 -27.72 -29.20 28.36
N SER A 116 -27.79 -28.55 29.52
CA SER A 116 -28.06 -27.13 29.63
C SER A 116 -26.77 -26.39 29.93
N ARG A 117 -26.39 -25.49 29.03
CA ARG A 117 -25.20 -24.69 29.24
C ARG A 117 -25.59 -23.28 29.69
N GLN A 118 -24.72 -22.67 30.47
CA GLN A 118 -25.05 -21.49 31.26
C GLN A 118 -24.28 -20.29 30.72
N ARG A 119 -25.00 -19.19 30.44
CA ARG A 119 -24.42 -17.87 30.16
C ARG A 119 -23.51 -17.87 28.94
N LEU A 120 -23.88 -18.65 27.93
CA LEU A 120 -23.14 -18.62 26.68
C LEU A 120 -23.54 -17.40 25.86
N THR A 121 -22.73 -17.08 24.87
CA THR A 121 -22.96 -15.90 24.05
C THR A 121 -23.70 -16.30 22.78
N LYS A 122 -24.40 -15.33 22.17
CA LYS A 122 -25.10 -15.55 20.91
C LYS A 122 -24.17 -16.01 19.80
N TYR A 123 -22.95 -15.49 19.77
CA TYR A 123 -21.99 -15.81 18.73
C TYR A 123 -20.75 -16.46 19.32
N THR A 124 -20.27 -17.51 18.69
CA THR A 124 -19.03 -18.16 19.08
C THR A 124 -17.84 -17.43 18.48
N MET A 125 -16.64 -17.98 18.70
CA MET A 125 -15.45 -17.38 18.12
C MET A 125 -15.39 -17.63 16.62
N ALA A 126 -15.96 -18.75 16.17
CA ALA A 126 -15.91 -19.08 14.76
C ALA A 126 -16.80 -18.17 13.94
N ASP A 127 -17.85 -17.61 14.56
CA ASP A 127 -18.70 -16.65 13.88
C ASP A 127 -17.95 -15.37 13.57
N LEU A 128 -17.19 -14.87 14.55
CA LEU A 128 -16.37 -13.67 14.33
C LEU A 128 -15.24 -13.94 13.35
N VAL A 129 -14.62 -15.13 13.44
CA VAL A 129 -13.54 -15.49 12.55
C VAL A 129 -14.02 -15.62 11.11
N TYR A 130 -15.17 -16.26 10.91
CA TYR A 130 -15.73 -16.40 9.58
C TYR A 130 -16.25 -15.06 9.05
N ALA A 131 -16.74 -14.20 9.94
CA ALA A 131 -17.27 -12.91 9.51
C ALA A 131 -16.15 -11.99 9.06
N LEU A 132 -14.98 -12.14 9.65
CA LEU A 132 -13.86 -11.30 9.22
C LEU A 132 -13.09 -11.93 8.06
N ARG A 133 -13.07 -13.25 7.97
CA ARG A 133 -12.28 -13.89 6.91
C ARG A 133 -13.11 -14.07 5.64
N HIS A 134 -14.43 -14.12 5.76
CA HIS A 134 -15.31 -14.16 4.60
C HIS A 134 -16.20 -12.92 4.67
N PHE A 135 -15.68 -11.81 4.19
CA PHE A 135 -16.34 -10.52 4.32
C PHE A 135 -17.04 -10.18 3.01
N ASP A 136 -18.31 -9.83 3.10
CA ASP A 136 -19.07 -9.39 1.95
C ASP A 136 -19.93 -8.21 2.36
N GLU A 137 -19.74 -7.07 1.68
CA GLU A 137 -20.54 -5.88 1.93
C GLU A 137 -22.01 -6.15 1.62
N GLY A 138 -22.89 -5.63 2.48
CA GLY A 138 -24.30 -5.93 2.38
C GLY A 138 -24.71 -7.26 2.96
N ASN A 139 -23.77 -8.01 3.55
CA ASN A 139 -24.03 -9.27 4.23
C ASN A 139 -23.27 -9.33 5.54
N CYS A 140 -23.20 -8.19 6.23
CA CYS A 140 -22.37 -8.04 7.42
C CYS A 140 -23.17 -8.08 8.72
N ASP A 141 -24.30 -8.78 8.75
CA ASP A 141 -25.21 -8.65 9.88
C ASP A 141 -24.64 -9.31 11.14
N THR A 142 -23.92 -10.42 10.97
CA THR A 142 -23.24 -11.04 12.11
C THR A 142 -22.13 -10.14 12.62
N LEU A 143 -21.34 -9.57 11.72
CA LEU A 143 -20.26 -8.67 12.12
C LEU A 143 -20.80 -7.40 12.76
N LYS A 144 -21.89 -6.86 12.20
CA LYS A 144 -22.50 -5.67 12.78
C LYS A 144 -23.07 -5.95 14.17
N GLU A 145 -23.64 -7.14 14.36
CA GLU A 145 -24.18 -7.49 15.67
C GLU A 145 -23.07 -7.67 16.70
N ILE A 146 -21.95 -8.27 16.31
CA ILE A 146 -20.83 -8.43 17.23
C ILE A 146 -20.20 -7.06 17.54
N LEU A 147 -20.10 -6.19 16.55
CA LEU A 147 -19.49 -4.88 16.76
C LEU A 147 -20.41 -3.97 17.59
N VAL A 148 -21.71 -4.21 17.53
CA VAL A 148 -22.63 -3.38 18.31
C VAL A 148 -22.73 -3.86 19.75
N THR A 149 -22.83 -5.19 19.96
CA THR A 149 -23.08 -5.68 21.31
C THR A 149 -21.83 -5.64 22.19
N TYR A 150 -20.68 -5.28 21.64
CA TYR A 150 -19.46 -5.16 22.43
C TYR A 150 -18.92 -3.73 22.48
N ASN A 151 -19.73 -2.75 22.08
CA ASN A 151 -19.44 -1.32 22.22
C ASN A 151 -18.16 -0.90 21.48
N CYS A 152 -17.81 -1.61 20.41
CA CYS A 152 -16.76 -1.11 19.53
C CYS A 152 -17.26 0.13 18.79
N CYS A 153 -18.54 0.15 18.46
CA CYS A 153 -19.21 1.28 17.86
C CYS A 153 -20.71 1.11 18.05
N ASP A 154 -21.41 2.23 18.09
CA ASP A 154 -22.87 2.19 18.17
C ASP A 154 -23.48 1.89 16.81
N ASP A 155 -24.82 1.76 16.79
CA ASP A 155 -25.49 1.26 15.60
C ASP A 155 -25.53 2.32 14.49
N ASP A 156 -25.37 3.59 14.84
CA ASP A 156 -25.35 4.63 13.82
C ASP A 156 -23.98 4.81 13.17
N TYR A 157 -23.00 3.97 13.51
CA TYR A 157 -21.69 4.10 12.87
C TYR A 157 -21.72 3.57 11.44
N PHE A 158 -22.66 2.65 11.16
CA PHE A 158 -22.70 2.01 9.86
C PHE A 158 -23.49 2.81 8.84
N ASN A 159 -24.11 3.92 9.26
CA ASN A 159 -24.87 4.73 8.32
C ASN A 159 -23.94 5.49 7.40
N LYS A 160 -22.73 5.81 7.86
CA LYS A 160 -21.68 6.22 6.95
C LYS A 160 -21.29 5.03 6.10
N LYS A 161 -21.32 5.20 4.78
CA LYS A 161 -20.85 4.13 3.92
C LYS A 161 -19.37 4.35 3.61
N ASP A 162 -18.75 3.33 3.03
CA ASP A 162 -17.29 3.10 3.06
C ASP A 162 -16.78 3.08 4.50
N TRP A 163 -17.55 2.47 5.41
CA TRP A 163 -17.10 2.34 6.78
C TRP A 163 -16.18 1.14 6.94
N TYR A 164 -16.36 0.12 6.11
CA TYR A 164 -15.56 -1.09 6.19
C TYR A 164 -14.17 -0.88 5.61
N ASP A 165 -14.00 0.15 4.78
CA ASP A 165 -12.81 0.29 3.97
C ASP A 165 -11.64 0.79 4.81
N PHE A 166 -10.49 0.11 4.68
CA PHE A 166 -9.31 0.53 5.40
C PHE A 166 -8.65 1.74 4.76
N VAL A 167 -8.97 2.01 3.49
CA VAL A 167 -8.33 3.11 2.80
C VAL A 167 -9.15 4.39 2.95
N GLU A 168 -10.48 4.26 2.91
CA GLU A 168 -11.32 5.44 3.06
C GLU A 168 -11.53 5.77 4.53
N ASN A 169 -11.82 4.77 5.35
CA ASN A 169 -12.11 4.97 6.77
C ASN A 169 -11.10 4.22 7.62
N PRO A 170 -9.94 4.79 7.92
CA PRO A 170 -8.98 4.09 8.80
C PRO A 170 -9.34 4.11 10.27
N ASP A 171 -10.54 4.55 10.65
CA ASP A 171 -11.01 4.42 12.02
C ASP A 171 -11.58 3.02 12.29
N ILE A 172 -11.70 2.19 11.25
CA ILE A 172 -12.24 0.85 11.45
C ILE A 172 -11.22 -0.04 12.16
N LEU A 173 -9.93 0.31 12.06
CA LEU A 173 -8.92 -0.38 12.84
C LEU A 173 -9.08 -0.06 14.32
N ARG A 174 -9.46 1.18 14.63
CA ARG A 174 -9.79 1.56 15.99
C ARG A 174 -11.07 0.88 16.46
N VAL A 175 -11.96 0.54 15.52
CA VAL A 175 -13.16 -0.22 15.89
C VAL A 175 -12.79 -1.67 16.25
N TYR A 176 -11.93 -2.30 15.45
CA TYR A 176 -11.56 -3.71 15.70
C TYR A 176 -10.64 -3.84 16.92
N ALA A 177 -9.92 -2.78 17.28
CA ALA A 177 -9.03 -2.85 18.43
C ALA A 177 -9.79 -2.98 19.75
N ASN A 178 -11.10 -2.71 19.75
CA ASN A 178 -11.89 -2.95 20.95
C ASN A 178 -12.35 -4.40 21.04
N LEU A 179 -12.31 -5.13 19.92
CA LEU A 179 -12.51 -6.58 19.97
C LEU A 179 -11.24 -7.29 20.37
N GLY A 180 -10.10 -6.62 20.17
CA GLY A 180 -8.80 -7.25 20.40
C GLY A 180 -8.58 -7.78 21.80
N GLU A 181 -9.07 -7.07 22.83
CA GLU A 181 -8.77 -7.50 24.19
C GLU A 181 -9.66 -8.67 24.61
N ARG A 182 -10.89 -8.73 24.09
CA ARG A 182 -11.72 -9.90 24.27
C ARG A 182 -11.11 -11.12 23.57
N VAL A 183 -10.49 -10.90 22.40
CA VAL A 183 -9.80 -11.98 21.71
C VAL A 183 -8.59 -12.47 22.52
N ARG A 184 -7.86 -11.54 23.15
CA ARG A 184 -6.72 -11.92 23.98
C ARG A 184 -7.15 -12.69 25.22
N GLN A 185 -8.27 -12.31 25.82
CA GLN A 185 -8.78 -13.05 26.96
C GLN A 185 -9.27 -14.44 26.55
N ALA A 186 -9.81 -14.55 25.33
CA ALA A 186 -10.17 -15.86 24.80
C ALA A 186 -8.95 -16.74 24.57
N LEU A 187 -7.84 -16.14 24.13
CA LEU A 187 -6.59 -16.89 23.96
C LEU A 187 -6.05 -17.41 25.29
N LEU A 188 -6.11 -16.56 26.33
CA LEU A 188 -5.66 -16.98 27.66
C LEU A 188 -6.54 -18.09 28.21
N LYS A 189 -7.85 -18.01 27.96
CA LYS A 189 -8.75 -19.06 28.43
C LYS A 189 -8.56 -20.35 27.65
N THR A 190 -8.13 -20.24 26.39
CA THR A 190 -7.77 -21.42 25.60
C THR A 190 -6.54 -22.12 26.17
N VAL A 191 -5.53 -21.34 26.56
CA VAL A 191 -4.32 -21.93 27.16
C VAL A 191 -4.64 -22.60 28.50
N GLN A 192 -5.52 -21.98 29.30
CA GLN A 192 -5.93 -22.60 30.56
C GLN A 192 -6.75 -23.87 30.33
N PHE A 193 -7.58 -23.89 29.28
CA PHE A 193 -8.33 -25.09 28.95
C PHE A 193 -7.43 -26.21 28.47
N CYS A 194 -6.37 -25.87 27.73
CA CYS A 194 -5.41 -26.88 27.29
C CYS A 194 -4.62 -27.45 28.45
N ASP A 195 -4.28 -26.59 29.42
CA ASP A 195 -3.64 -27.06 30.65
C ASP A 195 -4.54 -28.03 31.41
N ALA A 196 -5.83 -27.71 31.51
CA ALA A 196 -6.77 -28.60 32.20
C ALA A 196 -6.96 -29.91 31.43
N MET A 197 -6.92 -29.85 30.09
CA MET A 197 -7.06 -31.06 29.29
C MET A 197 -5.85 -31.97 29.44
N ARG A 198 -4.64 -31.39 29.48
CA ARG A 198 -3.45 -32.20 29.65
C ARG A 198 -3.37 -32.78 31.06
N ASN A 199 -3.73 -32.00 32.07
CA ASN A 199 -3.64 -32.50 33.44
C ASN A 199 -4.78 -33.45 33.77
N ALA A 200 -5.86 -33.42 33.00
CA ALA A 200 -6.97 -34.33 33.22
C ALA A 200 -6.86 -35.61 32.40
N GLY A 201 -5.87 -35.70 31.52
CA GLY A 201 -5.73 -36.89 30.68
C GLY A 201 -6.78 -37.01 29.61
N ILE A 202 -7.03 -35.93 28.87
CA ILE A 202 -8.08 -35.89 27.86
C ILE A 202 -7.46 -35.50 26.53
N VAL A 203 -7.70 -36.31 25.51
CA VAL A 203 -7.19 -36.07 24.17
C VAL A 203 -8.37 -35.68 23.27
N GLY A 204 -8.19 -34.62 22.50
CA GLY A 204 -9.23 -34.14 21.61
C GLY A 204 -8.71 -33.01 20.76
N VAL A 205 -9.61 -32.47 19.94
CA VAL A 205 -9.29 -31.37 19.05
C VAL A 205 -10.07 -30.14 19.53
N LEU A 206 -9.42 -28.98 19.50
CA LEU A 206 -10.10 -27.75 19.85
C LEU A 206 -10.51 -27.00 18.59
N THR A 207 -11.82 -26.85 18.40
CA THR A 207 -12.36 -26.16 17.24
C THR A 207 -12.96 -24.83 17.68
N LEU A 208 -13.00 -23.88 16.74
CA LEU A 208 -13.33 -22.51 17.07
C LEU A 208 -14.79 -22.35 17.46
N ASP A 209 -15.67 -23.16 16.90
CA ASP A 209 -17.11 -23.05 17.15
C ASP A 209 -17.52 -23.60 18.50
N ASN A 210 -16.60 -24.23 19.23
CA ASN A 210 -16.87 -24.67 20.59
C ASN A 210 -16.47 -23.66 21.63
N GLN A 211 -16.01 -22.47 21.22
CA GLN A 211 -15.57 -21.45 22.15
C GLN A 211 -16.48 -20.24 22.09
N ASP A 212 -16.99 -19.84 23.24
CA ASP A 212 -17.79 -18.65 23.45
C ASP A 212 -16.97 -17.40 23.17
N LEU A 213 -17.66 -16.27 22.98
CA LEU A 213 -16.92 -15.01 22.83
C LEU A 213 -16.49 -14.44 24.18
N ASN A 214 -16.97 -15.01 25.27
CA ASN A 214 -16.36 -14.77 26.57
C ASN A 214 -15.05 -15.53 26.72
N GLY A 215 -14.86 -16.59 25.95
CA GLY A 215 -13.71 -17.44 26.06
C GLY A 215 -13.97 -18.81 26.64
N ASN A 216 -15.20 -19.09 27.06
CA ASN A 216 -15.50 -20.38 27.68
C ASN A 216 -15.60 -21.48 26.61
N TRP A 217 -15.42 -22.72 27.05
CA TRP A 217 -15.48 -23.89 26.18
C TRP A 217 -16.57 -24.82 26.66
N TYR A 218 -17.33 -25.40 25.72
CA TYR A 218 -18.57 -26.04 26.15
C TYR A 218 -18.96 -27.34 25.45
N ASP A 219 -18.18 -27.89 24.55
CA ASP A 219 -18.62 -29.09 23.81
C ASP A 219 -17.59 -30.21 24.00
N PHE A 220 -17.97 -31.22 24.77
CA PHE A 220 -17.06 -32.28 25.18
C PHE A 220 -17.42 -33.64 24.60
N GLY A 221 -18.00 -33.67 23.40
CA GLY A 221 -18.50 -34.93 22.88
C GLY A 221 -17.42 -35.80 22.28
N ASP A 222 -16.54 -35.21 21.47
CA ASP A 222 -15.53 -35.96 20.74
C ASP A 222 -14.29 -36.29 21.57
N PHE A 223 -14.26 -35.91 22.84
CA PHE A 223 -13.05 -36.05 23.62
C PHE A 223 -12.91 -37.48 24.15
N ILE A 224 -11.67 -37.94 24.27
CA ILE A 224 -11.36 -39.27 24.75
C ILE A 224 -10.51 -39.15 26.01
N GLN A 225 -10.83 -39.98 27.00
CA GLN A 225 -10.03 -40.07 28.22
C GLN A 225 -8.75 -40.84 27.94
N THR A 226 -7.72 -40.56 28.73
CA THR A 226 -6.47 -41.30 28.71
C THR A 226 -6.08 -41.40 30.19
N THR A 227 -4.83 -41.77 30.48
CA THR A 227 -4.34 -41.68 31.85
C THR A 227 -4.07 -40.22 32.19
N PRO A 228 -4.29 -39.79 33.43
CA PRO A 228 -4.11 -38.38 33.78
C PRO A 228 -2.65 -37.95 33.70
N GLY A 229 -2.44 -36.72 33.21
CA GLY A 229 -1.12 -36.22 32.90
C GLY A 229 -0.66 -36.49 31.49
N SER A 230 -1.36 -37.33 30.74
CA SER A 230 -0.95 -37.74 29.40
C SER A 230 -1.89 -37.28 28.31
N GLY A 231 -2.79 -36.33 28.59
CA GLY A 231 -3.69 -35.84 27.57
C GLY A 231 -2.97 -34.91 26.61
N VAL A 232 -3.35 -34.98 25.34
CA VAL A 232 -2.77 -34.15 24.29
C VAL A 232 -3.90 -33.46 23.55
N PRO A 233 -4.03 -32.14 23.63
CA PRO A 233 -5.03 -31.44 22.82
C PRO A 233 -4.49 -30.98 21.48
N VAL A 234 -5.37 -30.93 20.50
CA VAL A 234 -5.02 -30.60 19.12
C VAL A 234 -5.52 -29.20 18.83
N VAL A 235 -4.60 -28.25 18.67
CA VAL A 235 -4.94 -26.85 18.51
C VAL A 235 -4.35 -26.29 17.23
N ASP A 236 -4.22 -27.12 16.20
CA ASP A 236 -3.60 -26.63 14.98
C ASP A 236 -4.59 -25.81 14.16
N SER A 237 -5.78 -26.35 13.91
CA SER A 237 -6.80 -25.64 13.14
C SER A 237 -7.30 -24.40 13.87
N TYR A 238 -7.36 -24.47 15.21
CA TYR A 238 -7.83 -23.35 16.02
C TYR A 238 -6.95 -22.13 15.86
N TYR A 239 -5.67 -22.25 16.23
CA TYR A 239 -4.75 -21.13 16.12
C TYR A 239 -4.53 -20.72 14.67
N SER A 240 -4.55 -21.69 13.77
CA SER A 240 -4.27 -21.38 12.37
C SER A 240 -5.40 -20.57 11.75
N LEU A 241 -6.66 -20.90 12.05
CA LEU A 241 -7.77 -20.12 11.55
C LEU A 241 -7.90 -18.79 12.29
N LEU A 242 -7.46 -18.74 13.54
CA LEU A 242 -7.56 -17.52 14.36
C LEU A 242 -6.47 -16.51 14.04
N MET A 243 -5.38 -16.92 13.40
CA MET A 243 -4.22 -16.04 13.22
C MET A 243 -4.43 -14.71 12.49
N PRO A 244 -5.30 -14.56 11.47
CA PRO A 244 -5.47 -13.19 10.92
C PRO A 244 -6.20 -12.24 11.85
N ILE A 245 -7.00 -12.78 12.78
CA ILE A 245 -7.81 -11.94 13.65
C ILE A 245 -6.93 -11.31 14.72
N LEU A 246 -5.81 -11.95 15.04
CA LEU A 246 -4.92 -11.49 16.10
C LEU A 246 -4.23 -10.20 15.71
N THR A 247 -4.06 -9.96 14.41
CA THR A 247 -3.43 -8.72 13.98
C THR A 247 -4.42 -7.79 13.31
N LEU A 248 -5.60 -8.29 12.94
CA LEU A 248 -6.63 -7.36 12.50
C LEU A 248 -7.22 -6.62 13.69
N THR A 249 -7.42 -7.32 14.80
CA THR A 249 -7.97 -6.69 15.99
C THR A 249 -6.90 -6.26 16.97
N ARG A 250 -5.62 -6.50 16.66
CA ARG A 250 -4.46 -6.15 17.50
C ARG A 250 -4.60 -6.72 18.91
N ALA A 251 -4.55 -8.05 19.01
CA ALA A 251 -4.92 -8.72 20.25
C ALA A 251 -3.86 -8.57 21.31
N LEU A 252 -2.60 -8.50 20.94
CA LEU A 252 -1.54 -8.39 21.93
C LEU A 252 -1.10 -6.95 22.17
N THR A 253 -2.03 -5.99 22.08
CA THR A 253 -1.66 -4.61 22.38
C THR A 253 -1.63 -4.36 23.88
N ALA A 254 -2.18 -5.28 24.68
CA ALA A 254 -2.11 -5.15 26.12
C ALA A 254 -0.76 -5.57 26.67
N GLU A 255 0.12 -6.13 25.84
CA GLU A 255 1.42 -6.57 26.32
C GLU A 255 2.43 -5.43 26.34
N SER A 256 2.04 -4.25 25.87
CA SER A 256 2.94 -3.11 25.91
C SER A 256 2.88 -2.40 27.26
N HIS A 257 1.99 -2.82 28.14
CA HIS A 257 1.79 -2.17 29.42
C HIS A 257 2.58 -2.89 30.51
N VAL A 258 2.61 -2.30 31.71
CA VAL A 258 3.64 -2.64 32.68
C VAL A 258 3.38 -4.00 33.34
N ASP A 259 2.13 -4.29 33.69
CA ASP A 259 1.77 -5.64 34.11
C ASP A 259 0.61 -6.19 33.31
N THR A 260 0.67 -6.02 31.98
CA THR A 260 -0.35 -6.40 30.97
C THR A 260 -1.77 -6.04 31.40
N ASP A 261 -1.94 -4.80 31.84
CA ASP A 261 -3.25 -4.27 32.18
C ASP A 261 -3.46 -2.99 31.40
N LEU A 262 -4.63 -2.86 30.77
CA LEU A 262 -4.93 -1.70 29.94
C LEU A 262 -5.07 -0.42 30.75
N THR A 263 -5.43 -0.51 32.02
CA THR A 263 -5.55 0.67 32.89
C THR A 263 -4.25 0.92 33.65
N LYS A 264 -3.13 0.93 32.90
CA LYS A 264 -1.77 1.09 33.41
C LYS A 264 -0.95 1.76 32.31
N PRO A 265 0.15 2.44 32.62
CA PRO A 265 0.92 3.10 31.56
C PRO A 265 1.78 2.15 30.75
N TYR A 266 2.53 2.73 29.82
CA TYR A 266 3.35 1.97 28.90
C TYR A 266 4.61 1.44 29.58
N ILE A 267 5.26 0.49 28.92
CA ILE A 267 6.56 0.01 29.40
C ILE A 267 7.65 0.94 28.88
N LYS A 268 8.48 1.45 29.77
CA LYS A 268 9.67 2.20 29.38
C LYS A 268 10.79 1.21 29.10
N TRP A 269 10.82 0.72 27.87
CA TRP A 269 11.88 -0.17 27.44
C TRP A 269 13.19 0.61 27.32
N ASP A 270 14.30 -0.09 27.55
CA ASP A 270 15.60 0.54 27.37
C ASP A 270 15.86 0.78 25.90
N LEU A 271 16.49 1.92 25.59
CA LEU A 271 16.72 2.29 24.21
C LEU A 271 17.82 1.45 23.58
N LEU A 272 18.71 0.89 24.40
CA LEU A 272 19.82 0.12 23.86
C LEU A 272 19.44 -1.34 23.69
N LYS A 273 18.26 -1.74 24.17
CA LYS A 273 17.82 -3.12 24.07
C LYS A 273 17.42 -3.44 22.64
N TYR A 274 17.89 -4.58 22.15
CA TYR A 274 17.53 -5.05 20.81
C TYR A 274 17.23 -6.55 20.74
N ASP A 275 17.50 -7.32 21.79
CA ASP A 275 17.46 -8.77 21.65
C ASP A 275 16.02 -9.27 21.66
N PHE A 276 15.32 -9.12 22.78
CA PHE A 276 13.91 -9.48 22.99
C PHE A 276 13.62 -10.95 22.75
N THR A 277 14.63 -11.82 22.75
CA THR A 277 14.42 -13.23 22.42
C THR A 277 13.71 -13.96 23.55
N GLU A 278 14.10 -13.68 24.79
CA GLU A 278 13.40 -14.22 25.95
C GLU A 278 11.98 -13.67 26.03
N GLU A 279 11.78 -12.43 25.58
CA GLU A 279 10.44 -11.85 25.54
C GLU A 279 9.56 -12.56 24.51
N ARG A 280 10.13 -12.90 23.36
CA ARG A 280 9.39 -13.62 22.33
C ARG A 280 9.04 -15.03 22.79
N LEU A 281 9.99 -15.72 23.43
CA LEU A 281 9.73 -17.05 23.95
C LEU A 281 8.71 -17.03 25.08
N LYS A 282 8.74 -15.99 25.91
CA LYS A 282 7.79 -15.85 27.00
C LYS A 282 6.39 -15.56 26.48
N LEU A 283 6.29 -14.74 25.44
CA LEU A 283 5.00 -14.49 24.80
C LEU A 283 4.44 -15.75 24.15
N PHE A 284 5.33 -16.53 23.50
CA PHE A 284 4.90 -17.76 22.86
C PHE A 284 4.41 -18.78 23.89
N ASP A 285 5.08 -18.89 25.02
CA ASP A 285 4.65 -19.84 26.04
C ASP A 285 3.43 -19.32 26.80
N ARG A 286 3.19 -18.01 26.73
CA ARG A 286 1.98 -17.47 27.37
C ARG A 286 0.75 -17.72 26.52
N TYR A 287 0.84 -17.51 25.21
CA TYR A 287 -0.34 -17.53 24.35
C TYR A 287 -0.44 -18.75 23.45
N PHE A 288 0.67 -19.33 23.04
CA PHE A 288 0.69 -20.46 22.10
C PHE A 288 1.40 -21.67 22.72
N LYS A 289 1.02 -22.02 23.94
CA LYS A 289 1.79 -22.98 24.73
C LYS A 289 1.73 -24.39 24.14
N TYR A 290 0.58 -24.77 23.58
CA TYR A 290 0.40 -26.13 23.10
C TYR A 290 0.48 -26.23 21.58
N TRP A 291 1.01 -25.20 20.93
CA TRP A 291 1.32 -25.28 19.52
C TRP A 291 2.46 -26.26 19.31
N ASP A 292 2.25 -27.24 18.43
CA ASP A 292 3.07 -28.45 18.46
C ASP A 292 4.42 -28.23 17.78
N GLN A 293 4.49 -27.38 16.77
CA GLN A 293 5.75 -27.14 16.08
C GLN A 293 6.66 -26.26 16.94
N THR A 294 7.96 -26.36 16.69
CA THR A 294 8.92 -25.56 17.43
C THR A 294 8.98 -24.15 16.86
N TYR A 295 9.20 -23.18 17.74
CA TYR A 295 9.30 -21.78 17.37
C TYR A 295 10.74 -21.32 17.58
N HIS A 296 11.38 -20.87 16.51
CA HIS A 296 12.70 -20.26 16.59
C HIS A 296 12.53 -18.76 16.58
N PRO A 297 12.93 -18.03 17.64
CA PRO A 297 12.74 -16.58 17.63
C PRO A 297 13.61 -15.87 16.61
N ASN A 298 14.88 -16.24 16.52
CA ASN A 298 15.73 -15.81 15.44
C ASN A 298 15.68 -16.84 14.34
N CYS A 299 15.35 -16.42 13.13
CA CYS A 299 15.16 -17.33 12.02
C CYS A 299 16.45 -17.73 11.34
N VAL A 300 17.60 -17.36 11.90
CA VAL A 300 18.86 -17.86 11.40
C VAL A 300 19.08 -19.32 11.80
N ASN A 301 18.33 -19.79 12.81
CA ASN A 301 18.35 -21.19 13.22
C ASN A 301 17.20 -21.98 12.61
N CYS A 302 16.75 -21.59 11.43
CA CYS A 302 15.64 -22.28 10.78
C CYS A 302 16.15 -23.33 9.79
N LEU A 303 15.45 -24.46 9.76
CA LEU A 303 15.90 -25.62 8.99
C LEU A 303 15.80 -25.36 7.50
N ASP A 304 14.59 -25.13 7.00
CA ASP A 304 14.34 -24.83 5.59
C ASP A 304 13.43 -23.61 5.52
N ASP A 305 12.98 -23.28 4.30
CA ASP A 305 12.20 -22.06 4.12
C ASP A 305 10.79 -22.20 4.65
N ARG A 306 10.27 -23.41 4.72
CA ARG A 306 8.96 -23.64 5.33
C ARG A 306 8.99 -23.50 6.84
N CYS A 307 10.18 -23.43 7.44
CA CYS A 307 10.32 -23.03 8.83
C CYS A 307 10.55 -21.53 8.98
N ILE A 308 11.18 -20.90 7.98
CA ILE A 308 11.33 -19.45 7.98
C ILE A 308 9.97 -18.78 7.89
N LEU A 309 9.08 -19.32 7.05
CA LEU A 309 7.72 -18.77 6.95
C LEU A 309 6.96 -18.91 8.26
N HIS A 310 7.17 -20.02 8.96
CA HIS A 310 6.50 -20.29 10.23
C HIS A 310 6.96 -19.32 11.32
N CYS A 311 8.27 -19.25 11.52
CA CYS A 311 8.81 -18.41 12.58
C CYS A 311 8.68 -16.93 12.23
N ALA A 312 8.66 -16.59 10.95
CA ALA A 312 8.44 -15.21 10.56
C ALA A 312 6.98 -14.81 10.77
N ASN A 313 6.06 -15.75 10.58
CA ASN A 313 4.66 -15.45 10.84
C ASN A 313 4.40 -15.27 12.33
N PHE A 314 5.18 -15.94 13.18
CA PHE A 314 5.05 -15.65 14.61
C PHE A 314 5.75 -14.36 15.00
N ASN A 315 6.86 -14.03 14.33
CA ASN A 315 7.59 -12.82 14.66
C ASN A 315 6.84 -11.56 14.22
N VAL A 316 6.02 -11.67 13.18
CA VAL A 316 5.15 -10.57 12.78
C VAL A 316 4.21 -10.16 13.90
N LEU A 317 3.60 -11.14 14.57
CA LEU A 317 2.72 -10.83 15.69
C LEU A 317 3.50 -10.34 16.90
N PHE A 318 4.61 -10.99 17.20
CA PHE A 318 5.31 -10.64 18.44
C PHE A 318 6.07 -9.34 18.34
N SER A 319 6.39 -8.88 17.13
CA SER A 319 7.17 -7.64 17.02
C SER A 319 6.30 -6.40 17.11
N THR A 320 4.98 -6.57 17.28
CA THR A 320 4.11 -5.41 17.45
C THR A 320 4.16 -4.91 18.90
N VAL A 321 4.72 -5.70 19.81
CA VAL A 321 4.82 -5.30 21.19
C VAL A 321 6.07 -4.45 21.42
N PHE A 322 7.16 -4.82 20.77
CA PHE A 322 8.46 -4.23 21.05
C PHE A 322 8.55 -2.84 20.42
N PRO A 323 9.38 -1.95 20.98
CA PRO A 323 9.37 -0.56 20.51
C PRO A 323 10.02 -0.44 19.15
N PRO A 324 9.60 0.55 18.34
CA PRO A 324 10.10 0.64 16.96
C PRO A 324 11.53 1.14 16.84
N THR A 325 12.14 1.57 17.94
CA THR A 325 13.53 2.02 17.87
C THR A 325 14.49 0.84 17.90
N SER A 326 14.02 -0.31 18.37
CA SER A 326 14.92 -1.45 18.53
C SER A 326 15.16 -2.17 17.22
N PHE A 327 14.33 -1.91 16.21
CA PHE A 327 14.48 -2.58 14.94
C PHE A 327 15.42 -1.78 14.05
N GLY A 328 15.74 -2.35 12.89
CA GLY A 328 16.66 -1.73 11.98
C GLY A 328 18.06 -2.26 12.17
N PRO A 329 19.05 -1.57 11.61
CA PRO A 329 20.42 -2.07 11.68
C PRO A 329 21.02 -1.94 13.07
N LEU A 330 21.93 -2.85 13.38
CA LEU A 330 22.66 -2.84 14.64
C LEU A 330 24.08 -2.39 14.38
N VAL A 331 24.42 -1.19 14.84
CA VAL A 331 25.68 -0.55 14.53
C VAL A 331 26.66 -0.83 15.66
N ARG A 332 27.95 -0.76 15.36
CA ARG A 332 29.02 -1.08 16.29
C ARG A 332 30.21 -0.19 15.98
N LYS A 333 31.00 0.13 17.01
CA LYS A 333 32.18 0.95 16.79
C LYS A 333 33.35 0.10 16.32
N ILE A 334 33.90 0.46 15.17
CA ILE A 334 34.95 -0.32 14.52
C ILE A 334 36.04 0.65 14.10
N PHE A 335 37.29 0.31 14.41
CA PHE A 335 38.42 1.20 14.20
C PHE A 335 39.12 0.86 12.89
N VAL A 336 39.47 1.89 12.12
CA VAL A 336 40.33 1.76 10.96
C VAL A 336 41.51 2.69 11.17
N ASP A 337 42.70 2.10 11.34
CA ASP A 337 43.94 2.81 11.72
C ASP A 337 43.76 3.60 13.01
N GLY A 338 42.99 3.06 13.95
CA GLY A 338 42.70 3.76 15.18
C GLY A 338 41.78 4.94 15.03
N VAL A 339 40.90 4.93 14.03
CA VAL A 339 39.89 5.97 13.84
C VAL A 339 38.52 5.33 14.06
N PRO A 340 37.76 5.77 15.06
CA PRO A 340 36.48 5.11 15.33
C PRO A 340 35.41 5.43 14.29
N PHE A 341 34.92 4.37 13.64
CA PHE A 341 33.81 4.45 12.71
C PHE A 341 32.55 4.00 13.44
N VAL A 342 31.44 4.01 12.72
CA VAL A 342 30.21 3.37 13.18
C VAL A 342 29.53 2.69 11.99
N VAL A 343 29.62 1.36 11.95
CA VAL A 343 29.12 0.57 10.84
C VAL A 343 28.21 -0.53 11.38
N SER A 344 27.34 -1.04 10.50
CA SER A 344 26.32 -2.01 10.89
C SER A 344 26.91 -3.41 10.84
N THR A 345 27.03 -4.04 12.00
CA THR A 345 27.46 -5.43 12.06
C THR A 345 26.29 -6.35 12.35
N GLY A 346 25.09 -5.98 11.89
CA GLY A 346 23.93 -6.81 12.10
C GLY A 346 22.69 -6.15 11.56
N TYR A 347 21.54 -6.69 11.95
CA TYR A 347 20.23 -6.13 11.65
C TYR A 347 19.24 -6.79 12.59
N HIS A 348 18.26 -6.03 13.07
CA HIS A 348 17.16 -6.59 13.83
C HIS A 348 15.91 -6.49 12.97
N PHE A 349 15.31 -7.63 12.67
CA PHE A 349 14.18 -7.71 11.76
C PHE A 349 12.90 -7.92 12.55
N ARG A 350 11.81 -7.32 12.06
CA ARG A 350 10.50 -7.61 12.64
C ARG A 350 10.06 -9.03 12.30
N GLU A 351 10.55 -9.55 11.19
CA GLU A 351 10.10 -10.87 10.72
C GLU A 351 11.14 -11.95 10.99
N LEU A 352 12.41 -11.64 10.82
CA LEU A 352 13.45 -12.67 10.87
C LEU A 352 14.21 -12.70 12.19
N GLY A 353 13.79 -11.92 13.19
CA GLY A 353 14.50 -11.94 14.45
C GLY A 353 15.82 -11.20 14.34
N VAL A 354 16.78 -11.57 15.18
CA VAL A 354 18.08 -10.92 15.24
C VAL A 354 19.05 -11.66 14.34
N VAL A 355 19.76 -10.91 13.49
CA VAL A 355 20.74 -11.47 12.56
C VAL A 355 22.05 -10.72 12.75
N HIS A 356 23.10 -11.46 13.08
CA HIS A 356 24.44 -10.91 13.27
C HIS A 356 25.31 -11.24 12.08
N ASN A 357 26.10 -10.27 11.62
CA ASN A 357 27.05 -10.51 10.55
C ASN A 357 28.16 -11.42 11.02
N GLN A 358 28.70 -12.21 10.10
CA GLN A 358 29.74 -13.16 10.46
C GLN A 358 31.13 -12.57 10.22
N ASP A 359 31.35 -11.98 9.06
CA ASP A 359 32.65 -11.43 8.70
C ASP A 359 32.68 -9.96 9.10
N VAL A 360 33.22 -9.69 10.28
CA VAL A 360 33.44 -8.32 10.76
C VAL A 360 34.93 -8.13 11.01
N ASN A 361 35.46 -6.98 10.59
CA ASN A 361 36.86 -6.65 10.78
C ASN A 361 36.97 -5.45 11.73
N LEU A 362 37.24 -5.74 13.00
CA LEU A 362 37.27 -4.68 14.02
C LEU A 362 38.49 -3.78 13.84
N HIS A 363 39.59 -4.33 13.34
CA HIS A 363 40.78 -3.55 13.01
C HIS A 363 41.30 -4.00 11.66
N SER A 364 41.35 -3.07 10.71
CA SER A 364 41.99 -3.30 9.42
C SER A 364 42.75 -2.04 9.04
N SER A 365 43.99 -2.24 8.58
CA SER A 365 44.86 -1.10 8.31
C SER A 365 44.47 -0.38 7.02
N ARG A 366 43.89 -1.11 6.08
CA ARG A 366 43.61 -0.57 4.76
C ARG A 366 42.14 -0.77 4.44
N LEU A 367 41.63 0.09 3.56
CA LEU A 367 40.24 0.04 3.11
C LEU A 367 40.22 0.06 1.59
N SER A 368 40.08 -1.12 0.97
CA SER A 368 39.99 -1.18 -0.48
C SER A 368 38.57 -0.89 -0.94
N PHE A 369 38.35 -1.06 -2.26
CA PHE A 369 37.18 -0.48 -2.91
C PHE A 369 35.89 -1.16 -2.48
N LYS A 370 35.92 -2.47 -2.26
CA LYS A 370 34.71 -3.21 -1.92
C LYS A 370 34.21 -2.84 -0.53
N GLU A 371 35.10 -2.78 0.45
CA GLU A 371 34.66 -2.52 1.81
C GLU A 371 34.27 -1.06 2.02
N LEU A 372 34.88 -0.15 1.26
CA LEU A 372 34.42 1.24 1.39
C LEU A 372 33.15 1.46 0.59
N LEU A 373 32.90 0.64 -0.43
CA LEU A 373 31.58 0.65 -1.07
C LEU A 373 30.50 0.14 -0.11
N VAL A 374 30.82 -0.90 0.66
CA VAL A 374 29.89 -1.40 1.68
C VAL A 374 29.70 -0.36 2.78
N TYR A 375 30.75 0.37 3.14
CA TYR A 375 30.65 1.36 4.20
C TYR A 375 29.91 2.62 3.73
N ALA A 376 29.99 2.92 2.44
CA ALA A 376 29.27 4.08 1.93
C ALA A 376 27.81 3.77 1.69
N ALA A 377 27.49 2.50 1.35
CA ALA A 377 26.09 2.14 1.14
C ALA A 377 25.36 1.96 2.47
N ASP A 378 26.09 1.89 3.56
CA ASP A 378 25.49 1.66 4.87
C ASP A 378 24.72 2.90 5.32
N PRO A 379 23.54 2.75 5.91
CA PRO A 379 22.86 3.88 6.53
C PRO A 379 23.40 4.27 7.89
N ALA A 380 24.41 3.55 8.39
CA ALA A 380 24.94 3.79 9.73
C ALA A 380 25.64 5.13 9.83
N MET A 381 26.54 5.42 8.88
CA MET A 381 27.30 6.67 8.90
C MET A 381 26.41 7.87 8.63
N HIS A 382 25.48 7.73 7.68
CA HIS A 382 24.59 8.83 7.33
C HIS A 382 23.60 9.13 8.45
N ALA A 383 23.03 8.09 9.07
CA ALA A 383 22.05 8.33 10.13
C ALA A 383 22.74 8.66 11.45
N ALA A 384 24.03 8.35 11.57
CA ALA A 384 24.75 8.75 12.77
C ALA A 384 25.20 10.19 12.69
N SER A 385 25.64 10.63 11.51
CA SER A 385 26.20 11.97 11.38
C SER A 385 25.10 13.02 11.29
N GLY A 386 23.89 12.62 10.87
CA GLY A 386 22.87 13.60 10.58
C GLY A 386 22.17 14.12 11.83
N ASN A 387 21.27 15.08 11.60
CA ASN A 387 20.52 15.69 12.68
C ASN A 387 19.30 14.84 13.01
N LEU A 388 18.79 15.01 14.24
CA LEU A 388 17.55 14.34 14.59
C LEU A 388 16.38 15.01 13.88
N LEU A 389 15.43 14.20 13.43
CA LEU A 389 14.30 14.68 12.65
C LEU A 389 13.00 14.23 13.30
N LEU A 390 12.02 15.13 13.36
CA LEU A 390 10.67 14.82 13.78
C LEU A 390 9.71 15.39 12.74
N ASP A 391 9.32 14.57 11.78
CA ASP A 391 8.50 15.01 10.66
C ASP A 391 7.05 14.72 10.99
N LYS A 392 6.27 15.78 11.20
CA LYS A 392 4.88 15.62 11.58
C LYS A 392 3.94 15.50 10.39
N ARG A 393 4.46 15.66 9.16
CA ARG A 393 3.63 15.45 7.98
C ARG A 393 3.35 13.96 7.77
N THR A 394 4.20 13.09 8.31
CA THR A 394 4.17 11.67 8.01
C THR A 394 3.86 10.90 9.29
N THR A 395 3.10 9.82 9.16
CA THR A 395 2.87 8.93 10.29
C THR A 395 4.08 8.00 10.48
N CYS A 396 4.87 7.79 9.43
CA CYS A 396 5.97 6.84 9.46
C CYS A 396 7.11 7.34 10.34
N PHE A 397 7.83 6.39 10.93
CA PHE A 397 8.90 6.70 11.87
C PHE A 397 10.08 7.32 11.14
N SER A 398 10.48 8.51 11.57
CA SER A 398 11.58 9.25 10.98
C SER A 398 12.80 9.19 11.89
N VAL A 399 13.96 8.95 11.31
CA VAL A 399 15.18 8.66 12.06
C VAL A 399 16.15 9.83 12.05
N ALA A 400 16.40 10.43 10.89
CA ALA A 400 17.44 11.44 10.79
C ALA A 400 17.19 12.34 9.61
N ALA A 401 17.87 13.49 9.62
CA ALA A 401 17.84 14.45 8.53
C ALA A 401 19.28 14.74 8.14
N LEU A 402 19.60 14.56 6.86
CA LEU A 402 21.00 14.60 6.44
C LEU A 402 21.47 16.02 6.18
N THR A 403 20.55 16.96 6.01
CA THR A 403 20.88 18.33 5.74
C THR A 403 20.24 19.22 6.79
N ASN A 404 20.65 20.49 6.79
CA ASN A 404 19.90 21.49 7.56
C ASN A 404 18.71 21.99 6.76
N ASN A 405 18.72 21.76 5.45
CA ASN A 405 17.60 22.10 4.60
C ASN A 405 16.60 20.95 4.54
N VAL A 406 15.48 21.20 3.87
CA VAL A 406 14.48 20.19 3.56
C VAL A 406 14.14 20.31 2.09
N ALA A 407 14.27 19.21 1.35
CA ALA A 407 13.97 19.23 -0.08
C ALA A 407 12.47 19.31 -0.31
N PHE A 408 12.07 20.16 -1.24
CA PHE A 408 10.68 20.49 -1.49
C PHE A 408 10.42 20.46 -2.99
N GLN A 409 10.78 19.35 -3.64
CA GLN A 409 10.68 19.25 -5.08
C GLN A 409 9.23 19.25 -5.55
N THR A 410 9.02 19.80 -6.75
CA THR A 410 7.70 19.93 -7.35
C THR A 410 7.70 19.19 -8.67
N VAL A 411 6.50 18.97 -9.20
CA VAL A 411 6.32 18.32 -10.50
C VAL A 411 5.94 19.38 -11.51
N LYS A 412 6.81 19.57 -12.49
CA LYS A 412 6.58 20.54 -13.55
C LYS A 412 5.43 20.08 -14.45
N PRO A 413 4.59 21.00 -14.92
CA PRO A 413 3.53 20.61 -15.83
C PRO A 413 4.07 20.23 -17.20
N GLY A 414 3.26 19.50 -17.96
CA GLY A 414 3.72 18.98 -19.23
C GLY A 414 3.66 20.06 -20.31
N ASN A 415 4.64 20.02 -21.21
CA ASN A 415 4.66 20.95 -22.32
C ASN A 415 3.57 20.62 -23.31
N PHE A 416 3.17 21.61 -24.09
CA PHE A 416 2.03 21.49 -24.98
C PHE A 416 2.50 21.51 -26.42
N ASN A 417 2.00 20.55 -27.21
CA ASN A 417 2.31 20.47 -28.63
C ASN A 417 1.17 21.16 -29.38
N LYS A 418 1.39 22.42 -29.73
CA LYS A 418 0.34 23.24 -30.34
C LYS A 418 0.06 22.79 -31.76
N ASP A 419 1.09 22.31 -32.46
CA ASP A 419 0.95 21.95 -33.88
C ASP A 419 0.07 20.74 -34.07
N PHE A 420 0.24 19.71 -33.24
CA PHE A 420 -0.61 18.54 -33.34
C PHE A 420 -2.04 18.84 -32.90
N TYR A 421 -2.22 19.80 -32.00
CA TYR A 421 -3.57 20.16 -31.60
C TYR A 421 -4.29 20.93 -32.69
N ASP A 422 -3.55 21.79 -33.41
CA ASP A 422 -4.13 22.48 -34.55
C ASP A 422 -4.44 21.50 -35.68
N PHE A 423 -3.58 20.50 -35.88
CA PHE A 423 -3.86 19.47 -36.86
C PHE A 423 -5.05 18.62 -36.47
N ALA A 424 -5.24 18.39 -35.16
CA ALA A 424 -6.35 17.56 -34.71
C ALA A 424 -7.68 18.30 -34.80
N VAL A 425 -7.68 19.61 -34.55
CA VAL A 425 -8.92 20.36 -34.73
C VAL A 425 -9.16 20.67 -36.20
N SER A 426 -8.11 20.57 -37.02
CA SER A 426 -8.32 20.70 -38.47
C SER A 426 -8.96 19.45 -39.04
N LYS A 427 -8.82 18.31 -38.39
CA LYS A 427 -9.39 17.05 -38.85
C LYS A 427 -10.70 16.70 -38.15
N GLY A 428 -11.32 17.65 -37.47
CA GLY A 428 -12.64 17.40 -36.91
C GLY A 428 -12.66 16.66 -35.59
N PHE A 429 -11.61 16.77 -34.80
CA PHE A 429 -11.61 16.13 -33.48
C PHE A 429 -12.02 17.12 -32.41
N PHE A 430 -12.36 16.56 -31.24
CA PHE A 430 -12.73 17.31 -30.03
C PHE A 430 -13.95 18.20 -30.26
N LYS A 431 -14.91 17.69 -31.04
CA LYS A 431 -16.21 18.31 -31.06
C LYS A 431 -16.97 17.96 -29.78
N GLU A 432 -17.88 18.83 -29.38
CA GLU A 432 -18.64 18.59 -28.16
C GLU A 432 -19.64 17.46 -28.38
N GLY A 433 -19.50 16.41 -27.58
CA GLY A 433 -20.37 15.26 -27.68
C GLY A 433 -19.79 14.07 -28.40
N SER A 434 -18.53 14.11 -28.80
CA SER A 434 -17.89 12.93 -29.37
C SER A 434 -17.38 12.03 -28.24
N SER A 435 -17.17 10.76 -28.56
CA SER A 435 -16.79 9.81 -27.52
C SER A 435 -15.31 9.93 -27.16
N VAL A 436 -14.50 10.44 -28.07
CA VAL A 436 -13.07 10.60 -27.85
C VAL A 436 -12.80 12.05 -27.45
N GLU A 437 -12.01 12.24 -26.40
CA GLU A 437 -11.65 13.56 -25.91
C GLU A 437 -10.33 13.44 -25.17
N LEU A 438 -9.93 14.52 -24.52
CA LEU A 438 -8.71 14.53 -23.74
C LEU A 438 -9.01 14.20 -22.29
N LYS A 439 -8.39 13.14 -21.78
CA LYS A 439 -8.56 12.74 -20.39
C LYS A 439 -7.26 12.36 -19.71
N HIS A 440 -6.14 12.35 -20.43
CA HIS A 440 -4.84 12.01 -19.87
C HIS A 440 -3.92 13.22 -20.01
N PHE A 441 -3.51 13.79 -18.88
CA PHE A 441 -2.69 14.99 -18.86
C PHE A 441 -1.55 14.80 -17.87
N PHE A 442 -0.53 15.64 -18.02
CA PHE A 442 0.50 15.73 -17.01
C PHE A 442 -0.03 16.59 -15.86
N PHE A 443 -0.21 15.97 -14.70
CA PHE A 443 -0.75 16.65 -13.54
C PHE A 443 0.41 17.22 -12.74
N ALA A 444 0.44 18.54 -12.58
CA ALA A 444 1.51 19.18 -11.82
C ALA A 444 1.21 19.11 -10.33
N GLN A 445 2.26 19.01 -9.53
CA GLN A 445 2.13 18.78 -8.09
C GLN A 445 2.89 19.84 -7.33
N ASP A 446 2.44 20.09 -6.09
CA ASP A 446 3.08 21.07 -5.22
C ASP A 446 4.28 20.45 -4.51
N GLY A 447 4.77 21.18 -3.50
CA GLY A 447 6.04 20.79 -2.89
C GLY A 447 5.93 19.61 -1.94
N ASN A 448 4.77 19.44 -1.32
CA ASN A 448 4.57 18.35 -0.37
C ASN A 448 4.17 17.03 -1.02
N ALA A 449 4.38 16.89 -2.34
CA ALA A 449 3.87 15.74 -3.07
C ALA A 449 4.63 14.48 -2.71
N ALA A 450 5.96 14.57 -2.59
CA ALA A 450 6.78 13.40 -2.31
C ALA A 450 6.49 12.85 -0.92
N ILE A 451 6.29 13.73 0.05
CA ILE A 451 6.03 13.24 1.40
C ILE A 451 4.58 12.81 1.55
N SER A 452 3.66 13.39 0.77
CA SER A 452 2.28 12.94 0.80
C SER A 452 2.10 11.62 0.09
N ASP A 453 2.97 11.31 -0.86
CA ASP A 453 2.98 10.01 -1.51
C ASP A 453 3.70 8.97 -0.66
N TYR A 454 4.76 9.36 0.04
CA TYR A 454 5.39 8.46 1.00
C TYR A 454 4.48 8.13 2.17
N ASP A 455 3.57 9.03 2.55
CA ASP A 455 2.65 8.74 3.63
C ASP A 455 1.61 7.67 3.27
N TYR A 456 1.53 7.25 2.01
CA TYR A 456 0.67 6.13 1.64
C TYR A 456 1.20 4.80 2.11
N TYR A 457 2.38 4.72 2.72
CA TYR A 457 2.86 3.52 3.39
C TYR A 457 2.21 3.31 4.75
N ARG A 458 1.26 4.16 5.14
CA ARG A 458 0.48 3.92 6.34
C ARG A 458 -0.58 2.85 6.11
N TYR A 459 -0.78 2.44 4.86
CA TYR A 459 -1.73 1.38 4.58
C TYR A 459 -1.12 0.02 4.86
N ASN A 460 0.21 -0.06 4.93
CA ASN A 460 0.86 -1.30 5.31
C ASN A 460 0.72 -1.53 6.81
N LEU A 461 -0.02 -2.57 7.16
CA LEU A 461 -0.22 -2.94 8.55
C LEU A 461 0.43 -4.29 8.81
N PRO A 462 0.87 -4.55 10.04
CA PRO A 462 1.44 -5.87 10.36
C PRO A 462 0.37 -6.95 10.28
N THR A 463 0.56 -7.88 9.36
CA THR A 463 -0.46 -8.84 8.98
C THR A 463 0.05 -10.26 9.15
N MET A 464 -0.57 -11.01 10.06
CA MET A 464 -0.33 -12.44 10.10
C MET A 464 -1.08 -13.14 8.98
N CYS A 465 -0.65 -14.35 8.68
CA CYS A 465 -1.34 -15.19 7.73
C CYS A 465 -1.78 -16.48 8.42
N ASP A 466 -2.77 -17.13 7.83
CA ASP A 466 -3.10 -18.50 8.17
C ASP A 466 -1.91 -19.36 7.74
N ILE A 467 -1.10 -19.78 8.71
CA ILE A 467 0.23 -20.27 8.36
C ILE A 467 0.16 -21.68 7.77
N ARG A 468 -0.85 -22.47 8.14
CA ARG A 468 -1.03 -23.76 7.50
C ARG A 468 -1.54 -23.58 6.08
N GLN A 469 -2.48 -22.65 5.90
CA GLN A 469 -2.98 -22.32 4.59
C GLN A 469 -1.91 -21.69 3.71
N LEU A 470 -1.09 -20.81 4.29
CA LEU A 470 -0.01 -20.20 3.53
C LEU A 470 1.07 -21.22 3.17
N LEU A 471 1.29 -22.21 4.06
CA LEU A 471 2.29 -23.22 3.77
C LEU A 471 1.81 -24.22 2.73
N PHE A 472 0.49 -24.37 2.57
CA PHE A 472 0.00 -25.14 1.43
C PHE A 472 0.05 -24.32 0.15
N VAL A 473 -0.30 -23.04 0.25
CA VAL A 473 -0.40 -22.18 -0.93
C VAL A 473 0.98 -21.95 -1.54
N VAL A 474 2.03 -21.91 -0.71
CA VAL A 474 3.38 -21.73 -1.25
C VAL A 474 3.82 -22.97 -2.04
N GLU A 475 3.33 -24.16 -1.63
CA GLU A 475 3.64 -25.38 -2.37
C GLU A 475 2.88 -25.42 -3.69
N VAL A 476 1.66 -24.88 -3.72
CA VAL A 476 0.93 -24.84 -4.98
C VAL A 476 1.49 -23.77 -5.91
N VAL A 477 2.01 -22.67 -5.34
CA VAL A 477 2.58 -21.59 -6.16
C VAL A 477 3.92 -22.00 -6.74
N ASP A 478 4.67 -22.83 -6.01
CA ASP A 478 5.92 -23.35 -6.54
C ASP A 478 5.71 -24.28 -7.74
N LYS A 479 4.52 -24.86 -7.86
CA LYS A 479 4.22 -25.67 -9.04
C LYS A 479 4.02 -24.81 -10.28
N TYR A 480 3.66 -23.54 -10.09
CA TYR A 480 3.49 -22.64 -11.23
C TYR A 480 4.84 -22.18 -11.77
N PHE A 481 5.90 -22.40 -11.00
CA PHE A 481 7.25 -22.00 -11.38
C PHE A 481 8.17 -23.19 -11.57
N ASP A 482 7.70 -24.27 -12.18
CA ASP A 482 8.48 -25.50 -12.24
C ASP A 482 9.29 -25.59 -13.52
N CYS A 483 8.77 -25.04 -14.62
CA CYS A 483 9.42 -25.26 -15.92
C CYS A 483 10.60 -24.32 -16.13
N TYR A 484 10.88 -23.45 -15.18
CA TYR A 484 12.02 -22.55 -15.29
C TYR A 484 13.22 -23.11 -14.55
N ASP A 485 14.38 -22.53 -14.82
CA ASP A 485 15.60 -22.87 -14.09
C ASP A 485 16.28 -21.61 -13.59
N GLY A 486 17.00 -21.74 -12.48
CA GLY A 486 17.67 -20.62 -11.87
C GLY A 486 18.93 -21.02 -11.12
N GLY A 487 19.54 -20.05 -10.45
CA GLY A 487 20.77 -20.31 -9.71
C GLY A 487 21.68 -19.12 -9.81
N CYS A 488 22.75 -19.15 -9.04
CA CYS A 488 23.69 -18.05 -9.05
C CYS A 488 24.55 -18.10 -10.31
N ILE A 489 24.62 -16.97 -11.01
CA ILE A 489 25.51 -16.82 -12.15
C ILE A 489 26.71 -16.00 -11.70
N ASN A 490 27.74 -16.01 -12.54
CA ASN A 490 28.94 -15.28 -12.22
C ASN A 490 28.80 -13.81 -12.63
N ALA A 491 29.80 -13.02 -12.27
CA ALA A 491 29.75 -11.59 -12.56
C ALA A 491 29.95 -11.31 -14.04
N ASN A 492 30.57 -12.24 -14.76
CA ASN A 492 30.74 -12.05 -16.20
C ASN A 492 29.52 -12.51 -16.97
N GLN A 493 28.61 -13.22 -16.30
CA GLN A 493 27.43 -13.75 -16.98
C GLN A 493 26.24 -12.83 -16.83
N VAL A 494 26.42 -11.67 -16.19
CA VAL A 494 25.30 -10.77 -15.97
C VAL A 494 25.05 -9.97 -17.24
N ILE A 495 23.79 -9.57 -17.44
CA ILE A 495 23.38 -8.75 -18.56
C ILE A 495 22.58 -7.58 -17.99
N VAL A 496 23.10 -6.37 -18.19
CA VAL A 496 22.47 -5.16 -17.68
C VAL A 496 22.06 -4.30 -18.87
N ASN A 497 20.85 -3.76 -18.82
CA ASN A 497 20.26 -3.14 -20.00
C ASN A 497 20.81 -1.74 -20.23
N ASN A 498 20.62 -0.85 -19.26
CA ASN A 498 21.07 0.53 -19.39
C ASN A 498 22.09 0.81 -18.29
N LEU A 499 23.32 1.08 -18.69
CA LEU A 499 24.36 1.45 -17.75
C LEU A 499 24.31 2.92 -17.36
N ASP A 500 23.58 3.74 -18.11
CA ASP A 500 23.48 5.17 -17.80
C ASP A 500 22.22 5.44 -16.98
N LYS A 501 22.08 4.69 -15.90
CA LYS A 501 21.03 4.92 -14.93
C LYS A 501 21.68 5.27 -13.60
N SER A 502 20.89 5.83 -12.70
CA SER A 502 21.47 6.33 -11.46
C SER A 502 21.72 5.19 -10.50
N ALA A 503 22.78 5.32 -9.73
CA ALA A 503 23.21 4.24 -8.84
C ALA A 503 22.66 4.36 -7.44
N GLY A 504 21.69 5.25 -7.21
CA GLY A 504 21.06 5.36 -5.91
C GLY A 504 21.84 6.28 -4.98
N PHE A 505 21.29 6.43 -3.77
CA PHE A 505 21.96 7.22 -2.75
C PHE A 505 22.91 6.33 -1.95
N PRO A 506 24.11 6.82 -1.61
CA PRO A 506 24.73 8.11 -1.96
C PRO A 506 25.56 8.07 -3.22
N PHE A 507 25.34 7.07 -4.06
CA PHE A 507 26.24 6.86 -5.18
C PHE A 507 25.93 7.78 -6.35
N ASN A 508 24.78 8.45 -6.32
CA ASN A 508 24.38 9.26 -7.47
C ASN A 508 25.12 10.59 -7.52
N LYS A 509 25.98 10.87 -6.55
CA LYS A 509 26.77 12.09 -6.57
C LYS A 509 27.96 11.95 -7.51
N TRP A 510 28.59 10.77 -7.52
CA TRP A 510 29.88 10.64 -8.17
C TRP A 510 29.76 10.10 -9.58
N GLY A 511 28.67 9.41 -9.89
CA GLY A 511 28.49 8.94 -11.25
C GLY A 511 27.29 8.03 -11.36
N LYS A 512 27.03 7.59 -12.58
CA LYS A 512 25.94 6.68 -12.86
C LYS A 512 26.35 5.25 -12.53
N ALA A 513 25.51 4.28 -12.90
CA ALA A 513 25.84 2.88 -12.65
C ALA A 513 26.91 2.36 -13.59
N ARG A 514 27.16 3.09 -14.68
CA ARG A 514 28.26 2.76 -15.59
C ARG A 514 29.61 2.85 -14.87
N LEU A 515 29.77 3.83 -13.99
CA LEU A 515 31.03 4.01 -13.28
C LEU A 515 31.26 2.88 -12.29
N TYR A 516 30.19 2.35 -11.68
CA TYR A 516 30.36 1.29 -10.71
C TYR A 516 30.44 -0.07 -11.37
N TYR A 517 29.97 -0.20 -12.61
CA TYR A 517 30.15 -1.44 -13.32
C TYR A 517 31.46 -1.44 -14.11
N ASP A 518 32.07 -0.27 -14.29
CA ASP A 518 33.35 -0.22 -14.99
C ASP A 518 34.50 -0.09 -14.01
N SER A 519 34.23 0.31 -12.76
CA SER A 519 35.29 0.47 -11.79
C SER A 519 35.58 -0.84 -11.06
N MET A 520 34.55 -1.65 -10.82
CA MET A 520 34.74 -2.93 -10.18
C MET A 520 35.00 -4.00 -11.24
N SER A 521 36.07 -4.78 -11.04
CA SER A 521 36.30 -5.96 -11.86
C SER A 521 35.33 -7.06 -11.47
N TYR A 522 35.34 -8.14 -12.26
CA TYR A 522 34.42 -9.25 -12.02
C TYR A 522 34.73 -9.96 -10.71
N GLU A 523 36.00 -9.95 -10.32
CA GLU A 523 36.41 -10.56 -9.06
C GLU A 523 35.89 -9.75 -7.87
N ASP A 524 35.83 -8.43 -8.02
CA ASP A 524 35.31 -7.58 -6.96
C ASP A 524 33.80 -7.75 -6.81
N GLN A 525 33.08 -7.87 -7.93
CA GLN A 525 31.64 -8.12 -7.87
C GLN A 525 31.34 -9.50 -7.30
N ASP A 526 32.19 -10.48 -7.61
CA ASP A 526 31.94 -11.81 -7.08
C ASP A 526 32.28 -11.87 -5.60
N ALA A 527 33.28 -11.10 -5.16
CA ALA A 527 33.58 -11.01 -3.74
C ALA A 527 32.49 -10.26 -2.99
N LEU A 528 31.88 -9.26 -3.63
CA LEU A 528 30.76 -8.55 -3.03
C LEU A 528 29.54 -9.46 -2.88
N PHE A 529 29.28 -10.29 -3.89
CA PHE A 529 28.18 -11.25 -3.82
C PHE A 529 28.46 -12.31 -2.75
N ALA A 530 29.72 -12.75 -2.64
CA ALA A 530 30.08 -13.72 -1.61
C ALA A 530 30.01 -13.09 -0.22
N TYR A 531 30.23 -11.79 -0.13
CA TYR A 531 30.06 -11.08 1.13
C TYR A 531 28.59 -11.02 1.52
N THR A 532 27.72 -10.74 0.55
CA THR A 532 26.29 -10.68 0.84
C THR A 532 25.71 -12.05 1.13
N LYS A 533 26.40 -13.12 0.73
CA LYS A 533 25.93 -14.45 1.09
C LYS A 533 26.29 -14.83 2.51
N ARG A 534 27.09 -14.00 3.19
CA ARG A 534 27.50 -14.27 4.57
C ARG A 534 27.28 -13.10 5.51
N ASN A 535 26.85 -11.94 5.00
CA ASN A 535 26.64 -10.76 5.81
C ASN A 535 25.36 -10.08 5.37
N VAL A 536 24.91 -9.11 6.16
CA VAL A 536 23.75 -8.30 5.84
C VAL A 536 24.19 -6.88 5.57
N ILE A 537 23.98 -6.41 4.35
CA ILE A 537 24.27 -5.04 3.95
C ILE A 537 22.95 -4.28 3.91
N PRO A 538 22.73 -3.30 4.76
CA PRO A 538 21.60 -2.41 4.59
C PRO A 538 21.94 -1.25 3.66
N THR A 539 20.94 -0.81 2.90
CA THR A 539 21.16 0.26 1.94
C THR A 539 20.07 1.31 2.11
N ILE A 540 20.13 2.32 1.24
CA ILE A 540 19.24 3.48 1.28
C ILE A 540 18.66 3.67 -0.12
N THR A 541 17.34 3.72 -0.22
CA THR A 541 16.67 3.92 -1.51
C THR A 541 16.07 5.31 -1.56
N GLN A 542 16.37 6.04 -2.63
CA GLN A 542 15.85 7.38 -2.82
C GLN A 542 14.47 7.35 -3.44
N MET A 543 13.57 8.20 -2.95
CA MET A 543 12.24 8.36 -3.54
C MET A 543 12.31 9.41 -4.64
N ASN A 544 12.08 9.00 -5.87
CA ASN A 544 12.00 9.90 -6.99
C ASN A 544 10.55 10.04 -7.40
N LEU A 545 10.20 11.22 -7.89
CA LEU A 545 8.85 11.47 -8.36
C LEU A 545 8.77 11.09 -9.82
N LYS A 546 7.88 10.17 -10.15
CA LYS A 546 7.70 9.73 -11.52
C LYS A 546 7.05 10.82 -12.34
N TYR A 547 7.43 10.91 -13.60
CA TYR A 547 6.96 11.97 -14.49
C TYR A 547 6.22 11.31 -15.65
N ALA A 548 4.94 11.03 -15.44
CA ALA A 548 4.16 10.26 -16.39
C ALA A 548 2.91 11.06 -16.75
N ILE A 549 2.12 10.49 -17.64
CA ILE A 549 0.85 11.06 -18.07
C ILE A 549 -0.26 10.14 -17.59
N SER A 550 -1.28 10.69 -16.94
CA SER A 550 -2.29 9.88 -16.31
C SER A 550 -3.63 10.60 -16.32
N ALA A 551 -4.66 9.86 -15.92
CA ALA A 551 -5.99 10.46 -15.80
C ALA A 551 -6.27 10.88 -14.37
N LYS A 552 -5.52 10.34 -13.42
CA LYS A 552 -5.76 10.62 -12.01
C LYS A 552 -4.89 11.78 -11.53
N ASN A 553 -5.30 12.37 -10.42
CA ASN A 553 -4.63 13.51 -9.81
C ASN A 553 -3.42 13.10 -8.98
N ARG A 554 -3.25 11.81 -8.72
CA ARG A 554 -2.25 11.36 -7.76
C ARG A 554 -0.85 11.45 -8.35
N ALA A 555 0.13 11.51 -7.45
CA ALA A 555 1.54 11.51 -7.81
C ALA A 555 2.03 10.07 -7.78
N ARG A 556 3.07 9.79 -8.56
CA ARG A 556 3.65 8.42 -8.65
C ARG A 556 5.10 8.49 -8.16
N THR A 557 5.46 7.64 -7.20
CA THR A 557 6.86 7.67 -6.68
C THR A 557 7.51 6.31 -6.84
N VAL A 558 8.70 6.29 -7.45
CA VAL A 558 9.50 5.08 -7.62
C VAL A 558 10.57 5.10 -6.54
N ALA A 559 11.10 3.93 -6.22
CA ALA A 559 12.09 3.81 -5.15
C ALA A 559 13.39 3.28 -5.74
N GLY A 560 14.24 4.19 -6.20
CA GLY A 560 15.52 3.80 -6.78
C GLY A 560 16.48 3.21 -5.78
N VAL A 561 16.67 1.90 -5.85
CA VAL A 561 17.53 1.20 -4.91
C VAL A 561 18.98 1.38 -5.34
N SER A 562 19.88 1.42 -4.35
CA SER A 562 21.28 1.69 -4.58
C SER A 562 21.96 0.52 -5.30
N ILE A 563 23.20 0.77 -5.74
CA ILE A 563 23.89 -0.17 -6.63
C ILE A 563 24.37 -1.39 -5.86
N CYS A 564 24.56 -1.26 -4.54
CA CYS A 564 25.13 -2.34 -3.76
C CYS A 564 24.07 -3.41 -3.46
N SER A 565 22.81 -3.09 -3.70
CA SER A 565 21.75 -4.09 -3.58
C SER A 565 21.41 -4.69 -4.94
N THR A 566 21.30 -3.85 -5.97
CA THR A 566 20.86 -4.36 -7.26
C THR A 566 21.97 -5.14 -7.95
N MET A 567 23.23 -4.85 -7.60
CA MET A 567 24.35 -5.56 -8.23
C MET A 567 24.42 -7.00 -7.75
N THR A 568 23.99 -7.27 -6.52
CA THR A 568 23.98 -8.64 -6.03
C THR A 568 22.65 -9.32 -6.30
N ASN A 569 21.56 -8.56 -6.35
CA ASN A 569 20.27 -9.15 -6.67
C ASN A 569 20.20 -9.59 -8.12
N ARG A 570 20.94 -8.91 -9.01
CA ARG A 570 21.03 -9.36 -10.39
C ARG A 570 21.72 -10.70 -10.49
N GLN A 571 22.83 -10.90 -9.78
CA GLN A 571 23.53 -12.18 -9.83
C GLN A 571 22.75 -13.27 -9.13
N PHE A 572 21.92 -12.92 -8.14
CA PHE A 572 21.15 -13.93 -7.46
C PHE A 572 19.94 -14.37 -8.28
N HIS A 573 19.30 -13.44 -9.01
CA HIS A 573 18.00 -13.72 -9.58
C HIS A 573 17.97 -13.77 -11.11
N GLN A 574 19.07 -13.43 -11.80
CA GLN A 574 19.02 -13.10 -13.22
C GLN A 574 18.67 -14.31 -14.08
N LYS A 575 19.19 -15.49 -13.72
CA LYS A 575 18.92 -16.69 -14.50
C LYS A 575 17.45 -17.07 -14.46
N LEU A 576 16.84 -16.99 -13.28
CA LEU A 576 15.42 -17.33 -13.17
C LEU A 576 14.54 -16.28 -13.82
N LEU A 577 14.91 -15.01 -13.70
CA LEU A 577 14.09 -13.96 -14.32
C LEU A 577 14.18 -13.99 -15.84
N LYS A 578 15.37 -14.28 -16.38
CA LYS A 578 15.49 -14.43 -17.82
C LYS A 578 14.79 -15.69 -18.31
N SER A 579 14.77 -16.74 -17.49
CA SER A 579 14.06 -17.96 -17.88
C SER A 579 12.55 -17.75 -17.87
N ILE A 580 12.06 -16.90 -16.97
CA ILE A 580 10.64 -16.58 -16.96
C ILE A 580 10.29 -15.69 -18.16
N ALA A 581 11.15 -14.73 -18.48
CA ALA A 581 10.89 -13.84 -19.60
C ALA A 581 11.04 -14.54 -20.95
N ALA A 582 11.78 -15.65 -20.98
CA ALA A 582 12.01 -16.33 -22.25
C ALA A 582 10.95 -17.39 -22.53
N THR A 583 10.26 -17.86 -21.49
CA THR A 583 9.30 -18.96 -21.66
C THR A 583 7.96 -18.42 -22.13
N ARG A 584 7.44 -19.00 -23.20
CA ARG A 584 6.13 -18.65 -23.73
C ARG A 584 5.15 -19.78 -23.48
N GLY A 585 3.90 -19.42 -23.21
CA GLY A 585 2.86 -20.40 -23.01
C GLY A 585 2.54 -20.72 -21.56
N ALA A 586 3.27 -20.15 -20.62
CA ALA A 586 3.05 -20.47 -19.21
C ALA A 586 2.05 -19.49 -18.60
N THR A 587 1.89 -19.59 -17.28
CA THR A 587 0.94 -18.72 -16.59
C THR A 587 1.47 -17.30 -16.49
N VAL A 588 2.74 -17.13 -16.16
CA VAL A 588 3.34 -15.80 -16.09
C VAL A 588 3.76 -15.38 -17.49
N VAL A 589 3.21 -14.25 -17.95
CA VAL A 589 3.37 -13.83 -19.33
C VAL A 589 4.31 -12.63 -19.47
N ILE A 590 5.23 -12.45 -18.53
CA ILE A 590 6.27 -11.43 -18.69
C ILE A 590 7.18 -11.85 -19.83
N GLY A 591 7.55 -10.89 -20.67
CA GLY A 591 8.45 -11.18 -21.75
C GLY A 591 7.80 -11.54 -23.06
N THR A 592 6.47 -11.60 -23.10
CA THR A 592 5.74 -11.93 -24.31
C THR A 592 5.30 -10.65 -24.99
N SER A 593 5.58 -10.54 -26.29
CA SER A 593 5.10 -9.43 -27.08
C SER A 593 3.58 -9.48 -27.21
N LYS A 594 2.98 -8.33 -27.47
CA LYS A 594 1.61 -8.30 -27.93
C LYS A 594 1.52 -8.23 -29.44
N PHE A 595 2.65 -8.02 -30.11
CA PHE A 595 2.71 -7.92 -31.55
C PHE A 595 2.87 -9.29 -32.19
N TYR A 596 2.65 -9.33 -33.51
CA TYR A 596 2.76 -10.53 -34.35
C TYR A 596 1.88 -11.67 -33.84
N GLY A 597 0.65 -11.35 -33.51
CA GLY A 597 -0.27 -12.35 -33.01
C GLY A 597 -0.01 -12.82 -31.60
N GLY A 598 0.87 -12.14 -30.86
CA GLY A 598 1.19 -12.58 -29.51
C GLY A 598 0.02 -12.40 -28.56
N TRP A 599 -0.81 -11.39 -28.80
CA TRP A 599 -2.00 -11.18 -28.00
C TRP A 599 -3.01 -12.30 -28.23
N HIS A 600 -3.19 -12.68 -29.49
CA HIS A 600 -4.06 -13.79 -29.84
C HIS A 600 -3.52 -15.10 -29.28
N ASN A 601 -2.20 -15.28 -29.32
CA ASN A 601 -1.59 -16.49 -28.77
C ASN A 601 -1.78 -16.58 -27.26
N MET A 602 -1.64 -15.45 -26.56
CA MET A 602 -1.84 -15.43 -25.11
C MET A 602 -3.30 -15.72 -24.76
N LEU A 603 -4.23 -15.14 -25.52
CA LEU A 603 -5.64 -15.34 -25.23
C LEU A 603 -6.09 -16.76 -25.57
N LYS A 604 -5.50 -17.38 -26.58
CA LYS A 604 -5.83 -18.77 -26.88
C LYS A 604 -5.10 -19.72 -25.93
N THR A 605 -4.02 -19.24 -25.31
CA THR A 605 -3.36 -20.04 -24.28
C THR A 605 -4.20 -20.10 -23.01
N VAL A 606 -4.84 -18.97 -22.65
CA VAL A 606 -5.73 -18.96 -21.50
C VAL A 606 -7.00 -19.75 -21.80
N TYR A 607 -7.62 -19.46 -22.94
CA TYR A 607 -8.80 -20.19 -23.41
C TYR A 607 -8.34 -21.55 -23.90
N SER A 608 -8.17 -22.51 -23.00
CA SER A 608 -7.56 -23.77 -23.39
C SER A 608 -8.55 -24.93 -23.40
N ASP A 609 -9.13 -25.30 -22.26
CA ASP A 609 -10.11 -26.36 -22.21
C ASP A 609 -11.19 -26.16 -21.16
N VAL A 610 -11.39 -24.93 -20.68
CA VAL A 610 -12.34 -24.71 -19.60
C VAL A 610 -13.76 -24.83 -20.15
N GLU A 611 -14.59 -25.60 -19.44
CA GLU A 611 -15.82 -26.12 -20.04
C GLU A 611 -16.89 -25.04 -20.19
N ASN A 612 -17.10 -24.22 -19.17
CA ASN A 612 -18.11 -23.18 -19.19
C ASN A 612 -17.43 -21.84 -18.93
N PRO A 613 -16.76 -21.28 -19.93
CA PRO A 613 -15.83 -20.19 -19.67
C PRO A 613 -16.51 -18.83 -19.51
N HIS A 614 -16.22 -18.18 -18.39
CA HIS A 614 -16.36 -16.74 -18.25
C HIS A 614 -14.97 -16.15 -18.16
N LEU A 615 -14.87 -14.84 -18.26
CA LEU A 615 -13.61 -14.15 -17.99
C LEU A 615 -13.79 -13.21 -16.82
N MET A 616 -12.86 -13.27 -15.87
CA MET A 616 -12.91 -12.47 -14.65
C MET A 616 -11.56 -11.80 -14.46
N GLY A 617 -11.58 -10.51 -14.22
CA GLY A 617 -10.36 -9.77 -13.97
C GLY A 617 -10.50 -8.85 -12.78
N TRP A 618 -9.44 -8.70 -12.01
CA TRP A 618 -9.48 -7.88 -10.81
C TRP A 618 -8.28 -6.95 -10.80
N ASP A 619 -8.24 -6.10 -9.77
CA ASP A 619 -7.14 -5.13 -9.58
C ASP A 619 -6.85 -5.05 -8.09
N TYR A 620 -5.62 -4.66 -7.72
CA TYR A 620 -5.25 -4.54 -6.33
C TYR A 620 -5.23 -3.09 -5.90
N PRO A 621 -6.00 -2.72 -4.88
CA PRO A 621 -5.94 -1.36 -4.34
C PRO A 621 -4.66 -1.17 -3.54
N LYS A 622 -3.80 -0.25 -4.01
CA LYS A 622 -2.52 0.06 -3.40
C LYS A 622 -1.64 -1.17 -3.25
N CYS A 623 -1.25 -1.76 -4.38
CA CYS A 623 -0.48 -3.00 -4.34
C CYS A 623 0.95 -2.73 -3.89
N ASP A 624 1.49 -1.57 -4.26
CA ASP A 624 2.85 -1.21 -3.89
C ASP A 624 2.96 -0.95 -2.39
N ARG A 625 1.86 -0.50 -1.77
CA ARG A 625 1.96 -0.01 -0.41
C ARG A 625 1.42 -1.01 0.60
N ALA A 626 0.28 -1.62 0.32
CA ALA A 626 -0.39 -2.45 1.31
C ALA A 626 0.04 -3.91 1.28
N MET A 627 1.10 -4.24 0.56
CA MET A 627 1.57 -5.62 0.48
C MET A 627 2.17 -6.04 1.80
N PRO A 628 1.68 -7.11 2.43
CA PRO A 628 2.23 -7.54 3.72
C PRO A 628 3.63 -8.08 3.59
N ASN A 629 4.35 -8.13 4.71
CA ASN A 629 5.73 -8.55 4.68
C ASN A 629 5.86 -10.06 4.55
N MET A 630 4.84 -10.79 5.01
CA MET A 630 4.84 -12.24 4.87
C MET A 630 4.75 -12.66 3.41
N LEU A 631 3.97 -11.93 2.61
CA LEU A 631 3.80 -12.32 1.22
C LEU A 631 5.01 -11.91 0.37
N ARG A 632 5.65 -10.81 0.73
CA ARG A 632 6.89 -10.43 0.04
C ARG A 632 8.03 -11.38 0.39
N ILE A 633 8.08 -11.82 1.66
CA ILE A 633 9.04 -12.83 2.08
C ILE A 633 8.77 -14.15 1.38
N MET A 634 7.50 -14.51 1.20
CA MET A 634 7.14 -15.74 0.53
C MET A 634 7.47 -15.69 -0.96
N ALA A 635 7.31 -14.52 -1.58
CA ALA A 635 7.69 -14.37 -2.98
C ALA A 635 9.20 -14.50 -3.16
N SER A 636 9.98 -13.92 -2.25
CA SER A 636 11.42 -14.05 -2.33
C SER A 636 11.88 -15.48 -2.03
N LEU A 637 11.15 -16.20 -1.17
CA LEU A 637 11.49 -17.58 -0.88
C LEU A 637 11.18 -18.50 -2.05
N VAL A 638 10.05 -18.26 -2.73
CA VAL A 638 9.70 -19.02 -3.93
C VAL A 638 10.74 -18.78 -5.02
N LEU A 639 11.15 -17.52 -5.21
CA LEU A 639 12.16 -17.25 -6.22
C LEU A 639 13.54 -17.76 -5.85
N ALA A 640 13.83 -17.94 -4.56
CA ALA A 640 15.10 -18.51 -4.15
C ALA A 640 15.06 -20.03 -4.01
N ARG A 641 13.89 -20.65 -4.22
CA ARG A 641 13.80 -22.11 -4.23
C ARG A 641 14.50 -22.77 -5.41
N LYS A 642 15.01 -21.99 -6.37
CA LYS A 642 15.79 -22.49 -7.48
C LYS A 642 17.29 -22.55 -7.18
N HIS A 643 17.67 -22.68 -5.91
CA HIS A 643 19.07 -22.55 -5.51
C HIS A 643 19.58 -23.70 -4.67
N THR A 644 19.05 -24.91 -4.87
CA THR A 644 19.45 -26.03 -4.02
C THR A 644 20.84 -26.53 -4.36
N THR A 645 21.35 -26.19 -5.54
CA THR A 645 22.64 -26.72 -5.96
C THR A 645 23.78 -25.76 -5.60
N CYS A 646 23.59 -24.47 -5.82
CA CYS A 646 24.67 -23.49 -5.71
C CYS A 646 24.74 -22.79 -4.36
N CYS A 647 23.75 -22.97 -3.49
CA CYS A 647 23.74 -22.29 -2.19
C CYS A 647 23.24 -23.24 -1.11
N SER A 648 23.86 -23.14 0.05
CA SER A 648 23.44 -23.90 1.22
C SER A 648 22.25 -23.23 1.88
N LEU A 649 21.91 -23.72 3.08
CA LEU A 649 20.76 -23.15 3.78
C LEU A 649 21.13 -21.82 4.41
N SER A 650 22.35 -21.70 4.94
CA SER A 650 22.79 -20.45 5.55
C SER A 650 22.96 -19.35 4.52
N HIS A 651 23.53 -19.71 3.35
CA HIS A 651 23.67 -18.75 2.26
C HIS A 651 22.32 -18.26 1.77
N ARG A 652 21.33 -19.15 1.75
CA ARG A 652 20.00 -18.78 1.27
C ARG A 652 19.29 -17.90 2.30
N PHE A 653 19.48 -18.17 3.59
CA PHE A 653 18.89 -17.30 4.60
C PHE A 653 19.55 -15.93 4.61
N TYR A 654 20.86 -15.87 4.39
CA TYR A 654 21.51 -14.56 4.39
C TYR A 654 21.17 -13.76 3.15
N ARG A 655 20.88 -14.44 2.03
CA ARG A 655 20.39 -13.72 0.86
C ARG A 655 18.97 -13.22 1.08
N LEU A 656 18.12 -14.03 1.74
CA LEU A 656 16.79 -13.58 2.11
C LEU A 656 16.85 -12.40 3.06
N ALA A 657 17.76 -12.42 4.02
CA ALA A 657 17.87 -11.34 4.99
C ALA A 657 18.42 -10.08 4.34
N ASN A 658 19.36 -10.24 3.40
CA ASN A 658 19.86 -9.09 2.64
C ASN A 658 18.75 -8.44 1.83
N GLU A 659 17.93 -9.24 1.16
CA GLU A 659 16.88 -8.65 0.34
C GLU A 659 15.78 -8.04 1.21
N CYS A 660 15.47 -8.67 2.34
CA CYS A 660 14.46 -8.13 3.24
C CYS A 660 14.95 -6.90 4.00
N ALA A 661 16.27 -6.72 4.11
CA ALA A 661 16.82 -5.52 4.70
C ALA A 661 17.07 -4.42 3.68
N GLN A 662 17.10 -4.75 2.40
CA GLN A 662 17.35 -3.76 1.38
C GLN A 662 16.10 -3.24 0.67
N VAL A 663 15.07 -4.07 0.48
CA VAL A 663 13.88 -3.64 -0.26
C VAL A 663 12.59 -3.80 0.52
N LEU A 664 12.63 -4.28 1.76
CA LEU A 664 11.37 -4.43 2.50
C LEU A 664 11.27 -3.48 3.69
N SER A 665 12.24 -3.48 4.59
CA SER A 665 12.26 -2.59 5.74
C SER A 665 13.47 -1.67 5.67
N GLU A 666 13.66 -1.12 4.48
CA GLU A 666 14.81 -0.29 4.14
C GLU A 666 14.76 1.05 4.89
N MET A 667 15.87 1.78 4.85
CA MET A 667 15.95 3.14 5.36
C MET A 667 15.82 4.05 4.14
N VAL A 668 14.60 4.50 3.90
CA VAL A 668 14.29 5.21 2.66
C VAL A 668 14.45 6.71 2.86
N MET A 669 15.17 7.35 1.94
CA MET A 669 15.47 8.77 2.02
C MET A 669 14.55 9.54 1.08
N CYS A 670 13.53 10.17 1.63
CA CYS A 670 12.55 10.91 0.83
C CYS A 670 12.85 12.40 0.98
N GLY A 671 13.69 12.93 0.09
CA GLY A 671 13.95 14.36 0.08
C GLY A 671 14.94 14.82 1.12
N GLY A 672 16.14 14.23 1.14
CA GLY A 672 17.20 14.71 1.99
C GLY A 672 17.05 14.43 3.47
N SER A 673 16.21 13.46 3.84
CA SER A 673 16.01 13.08 5.23
C SER A 673 15.51 11.65 5.28
N LEU A 674 16.11 10.83 6.15
CA LEU A 674 15.86 9.40 6.14
C LEU A 674 14.63 9.04 6.94
N TYR A 675 13.79 8.18 6.36
CA TYR A 675 12.65 7.59 7.03
C TYR A 675 12.81 6.08 6.97
N VAL A 676 12.08 5.36 7.80
CA VAL A 676 12.03 3.91 7.70
C VAL A 676 10.76 3.54 6.95
N LYS A 677 10.86 2.49 6.16
CA LYS A 677 9.73 2.05 5.37
C LYS A 677 9.05 0.90 6.08
N PRO A 678 7.74 0.98 6.34
CA PRO A 678 7.09 -0.07 7.14
C PRO A 678 6.99 -1.40 6.43
N GLY A 679 6.95 -1.38 5.10
CA GLY A 679 6.93 -2.63 4.35
C GLY A 679 6.38 -2.39 2.95
N GLY A 680 6.06 -3.48 2.30
CA GLY A 680 5.58 -3.44 0.94
C GLY A 680 6.70 -3.57 -0.07
N THR A 681 6.32 -3.70 -1.33
CA THR A 681 7.30 -3.87 -2.37
C THR A 681 7.98 -2.53 -2.70
N SER A 682 9.07 -2.60 -3.43
CA SER A 682 9.78 -1.42 -3.92
C SER A 682 9.77 -1.47 -5.44
N SER A 683 9.52 -0.32 -6.06
CA SER A 683 9.39 -0.30 -7.51
C SER A 683 10.75 -0.43 -8.20
N GLY A 684 11.82 -0.10 -7.49
CA GLY A 684 13.13 -0.17 -8.09
C GLY A 684 13.90 -1.43 -7.76
N ASP A 685 13.23 -2.43 -7.21
CA ASP A 685 13.84 -3.72 -6.92
C ASP A 685 14.25 -4.39 -8.23
N ALA A 686 15.24 -5.29 -8.13
CA ALA A 686 15.69 -6.01 -9.32
C ALA A 686 14.69 -7.07 -9.73
N THR A 687 13.76 -7.42 -8.86
CA THR A 687 12.82 -8.49 -9.09
C THR A 687 11.38 -8.13 -8.71
N THR A 688 10.96 -6.89 -8.97
CA THR A 688 9.68 -6.44 -8.42
C THR A 688 8.50 -6.98 -9.23
N ALA A 689 8.65 -7.11 -10.55
CA ALA A 689 7.56 -7.62 -11.38
C ALA A 689 7.32 -9.09 -11.11
N TYR A 690 8.39 -9.84 -10.91
CA TYR A 690 8.27 -11.28 -10.76
C TYR A 690 7.81 -11.64 -9.35
N ALA A 691 8.24 -10.88 -8.35
CA ALA A 691 7.71 -11.06 -7.00
C ALA A 691 6.24 -10.65 -6.94
N ASN A 692 5.86 -9.63 -7.72
CA ASN A 692 4.45 -9.27 -7.83
C ASN A 692 3.64 -10.38 -8.48
N SER A 693 4.22 -11.07 -9.46
CA SER A 693 3.54 -12.20 -10.09
C SER A 693 3.37 -13.37 -9.12
N VAL A 694 4.39 -13.63 -8.29
CA VAL A 694 4.26 -14.66 -7.26
C VAL A 694 3.16 -14.29 -6.26
N PHE A 695 3.09 -13.01 -5.88
CA PHE A 695 2.06 -12.57 -4.95
C PHE A 695 0.66 -12.66 -5.57
N ASN A 696 0.57 -12.39 -6.87
CA ASN A 696 -0.71 -12.50 -7.59
C ASN A 696 -1.20 -13.94 -7.64
N ILE A 697 -0.31 -14.87 -8.00
CA ILE A 697 -0.67 -16.28 -8.04
C ILE A 697 -0.99 -16.79 -6.64
N CYS A 698 -0.31 -16.25 -5.62
CA CYS A 698 -0.59 -16.62 -4.24
C CYS A 698 -1.99 -16.22 -3.81
N GLN A 699 -2.41 -14.99 -4.14
CA GLN A 699 -3.75 -14.54 -3.77
C GLN A 699 -4.82 -15.30 -4.54
N ALA A 700 -4.57 -15.62 -5.80
CA ALA A 700 -5.55 -16.40 -6.57
C ALA A 700 -5.70 -17.83 -6.04
N VAL A 701 -4.58 -18.46 -5.69
CA VAL A 701 -4.61 -19.82 -5.16
C VAL A 701 -5.30 -19.85 -3.80
N THR A 702 -5.00 -18.89 -2.92
CA THR A 702 -5.67 -18.90 -1.63
C THR A 702 -7.13 -18.48 -1.72
N ALA A 703 -7.52 -17.73 -2.77
CA ALA A 703 -8.93 -17.49 -2.99
C ALA A 703 -9.65 -18.76 -3.42
N ASN A 704 -8.99 -19.59 -4.22
CA ASN A 704 -9.58 -20.90 -4.56
C ASN A 704 -9.66 -21.83 -3.36
N VAL A 705 -8.66 -21.79 -2.48
CA VAL A 705 -8.69 -22.61 -1.27
C VAL A 705 -9.81 -22.15 -0.34
N ASN A 706 -9.98 -20.83 -0.18
CA ASN A 706 -11.07 -20.31 0.62
C ASN A 706 -12.42 -20.56 -0.01
N ALA A 707 -12.49 -20.65 -1.34
CA ALA A 707 -13.73 -20.99 -1.99
C ALA A 707 -14.10 -22.45 -1.78
N LEU A 708 -13.12 -23.34 -1.89
CA LEU A 708 -13.40 -24.76 -1.80
C LEU A 708 -13.64 -25.20 -0.36
N LEU A 709 -13.02 -24.54 0.61
CA LEU A 709 -13.21 -24.93 2.00
C LEU A 709 -14.44 -24.33 2.65
N SER A 710 -14.98 -23.24 2.11
CA SER A 710 -16.12 -22.56 2.70
C SER A 710 -17.43 -22.87 2.01
N THR A 711 -17.54 -24.02 1.36
CA THR A 711 -18.80 -24.49 0.81
C THR A 711 -19.25 -25.73 1.57
N ASP A 712 -20.55 -25.97 1.57
CA ASP A 712 -21.08 -27.17 2.22
C ASP A 712 -20.70 -28.40 1.39
N GLY A 713 -19.96 -29.32 2.01
CA GLY A 713 -19.53 -30.51 1.29
C GLY A 713 -20.67 -31.48 1.05
N ASN A 714 -21.76 -31.35 1.81
CA ASN A 714 -22.92 -32.19 1.57
C ASN A 714 -23.67 -31.76 0.31
N LYS A 715 -23.63 -30.46 0.00
CA LYS A 715 -24.42 -29.95 -1.11
C LYS A 715 -23.68 -30.10 -2.43
N ILE A 716 -22.44 -30.59 -2.40
CA ILE A 716 -21.69 -30.78 -3.64
C ILE A 716 -22.22 -32.02 -4.35
N ALA A 717 -22.53 -31.89 -5.64
CA ALA A 717 -23.07 -33.01 -6.38
C ALA A 717 -21.98 -34.00 -6.77
N ASP A 718 -20.84 -33.50 -7.24
CA ASP A 718 -19.71 -34.37 -7.59
C ASP A 718 -19.13 -35.01 -6.35
N LYS A 719 -18.53 -36.19 -6.53
CA LYS A 719 -17.86 -36.85 -5.41
C LYS A 719 -16.35 -36.77 -5.52
N TYR A 720 -15.81 -36.57 -6.72
CA TYR A 720 -14.39 -36.29 -6.86
C TYR A 720 -14.04 -34.95 -6.24
N VAL A 721 -14.89 -33.95 -6.44
CA VAL A 721 -14.65 -32.63 -5.87
C VAL A 721 -14.84 -32.65 -4.36
N ARG A 722 -15.80 -33.45 -3.86
CA ARG A 722 -16.00 -33.57 -2.42
C ARG A 722 -14.83 -34.28 -1.75
N ASN A 723 -14.30 -35.32 -2.41
CA ASN A 723 -13.09 -35.97 -1.90
C ASN A 723 -11.89 -35.05 -1.97
N LEU A 724 -11.83 -34.18 -2.98
CA LEU A 724 -10.77 -33.19 -3.07
C LEU A 724 -10.87 -32.17 -1.93
N GLN A 725 -12.09 -31.79 -1.55
CA GLN A 725 -12.27 -30.87 -0.42
C GLN A 725 -11.88 -31.52 0.90
N HIS A 726 -12.29 -32.78 1.09
CA HIS A 726 -11.94 -33.51 2.30
C HIS A 726 -10.45 -33.77 2.40
N ARG A 727 -9.76 -33.90 1.26
CA ARG A 727 -8.31 -34.02 1.31
C ARG A 727 -7.63 -32.67 1.46
N LEU A 728 -8.27 -31.60 1.00
CA LEU A 728 -7.72 -30.25 1.11
C LEU A 728 -7.67 -29.79 2.55
N TYR A 729 -8.75 -30.05 3.30
CA TYR A 729 -8.76 -29.69 4.72
C TYR A 729 -7.71 -30.49 5.49
N GLU A 730 -7.50 -31.75 5.12
CA GLU A 730 -6.52 -32.58 5.80
C GLU A 730 -5.10 -32.12 5.48
N CYS A 731 -4.84 -31.77 4.22
CA CYS A 731 -3.50 -31.33 3.84
C CYS A 731 -3.18 -29.95 4.41
N LEU A 732 -4.22 -29.14 4.65
CA LEU A 732 -3.97 -27.87 5.34
C LEU A 732 -3.73 -28.09 6.84
N TYR A 733 -4.72 -28.63 7.55
CA TYR A 733 -4.76 -28.51 9.00
C TYR A 733 -4.47 -29.79 9.75
N ARG A 734 -4.12 -30.89 9.06
CA ARG A 734 -3.90 -32.13 9.80
C ARG A 734 -2.46 -32.61 9.72
N ASN A 735 -1.94 -32.84 8.52
CA ASN A 735 -0.57 -33.32 8.37
C ASN A 735 0.37 -32.14 8.26
N ARG A 736 1.56 -32.27 8.85
CA ARG A 736 2.52 -31.18 8.82
C ARG A 736 3.55 -31.39 7.72
N ASP A 737 3.65 -32.62 7.19
CA ASP A 737 4.43 -32.85 5.99
C ASP A 737 3.72 -32.26 4.79
N VAL A 738 4.47 -32.07 3.70
CA VAL A 738 3.88 -31.60 2.45
C VAL A 738 3.47 -32.81 1.61
N ASP A 739 2.18 -32.91 1.34
CA ASP A 739 1.65 -34.05 0.61
C ASP A 739 1.89 -33.83 -0.88
N THR A 740 3.04 -34.29 -1.37
CA THR A 740 3.58 -33.83 -2.64
C THR A 740 2.86 -34.39 -3.86
N ASP A 741 1.86 -35.24 -3.69
CA ASP A 741 1.04 -35.69 -4.81
C ASP A 741 -0.38 -35.15 -4.77
N PHE A 742 -0.86 -34.71 -3.61
CA PHE A 742 -2.09 -33.93 -3.57
C PHE A 742 -1.86 -32.51 -4.08
N VAL A 743 -0.64 -32.01 -3.93
CA VAL A 743 -0.27 -30.70 -4.48
C VAL A 743 -0.40 -30.73 -6.01
N ASN A 744 0.07 -31.82 -6.63
CA ASN A 744 -0.07 -31.97 -8.08
C ASN A 744 -1.52 -32.11 -8.51
N GLU A 745 -2.34 -32.78 -7.69
CA GLU A 745 -3.75 -32.94 -7.99
C GLU A 745 -4.50 -31.61 -7.90
N PHE A 746 -4.20 -30.81 -6.88
CA PHE A 746 -4.81 -29.49 -6.76
C PHE A 746 -4.30 -28.53 -7.84
N TYR A 747 -3.04 -28.67 -8.25
CA TYR A 747 -2.52 -27.86 -9.33
C TYR A 747 -3.17 -28.23 -10.66
N ALA A 748 -3.45 -29.52 -10.87
CA ALA A 748 -4.15 -29.93 -12.08
C ALA A 748 -5.61 -29.47 -12.06
N TYR A 749 -6.23 -29.47 -10.88
CA TYR A 749 -7.60 -29.00 -10.73
C TYR A 749 -7.71 -27.49 -11.02
N LEU A 750 -6.75 -26.71 -10.53
CA LEU A 750 -6.76 -25.29 -10.83
C LEU A 750 -6.34 -25.01 -12.27
N ARG A 751 -5.53 -25.88 -12.87
CA ARG A 751 -5.19 -25.67 -14.28
C ARG A 751 -6.37 -26.02 -15.18
N LYS A 752 -7.21 -26.95 -14.75
CA LYS A 752 -8.35 -27.36 -15.57
C LYS A 752 -9.52 -26.40 -15.41
N HIS A 753 -9.77 -25.90 -14.20
CA HIS A 753 -10.98 -25.13 -13.95
C HIS A 753 -10.76 -23.65 -13.65
N PHE A 754 -9.53 -23.21 -13.44
CA PHE A 754 -9.24 -21.84 -13.06
C PHE A 754 -8.00 -21.33 -13.81
N SER A 755 -7.98 -21.48 -15.13
CA SER A 755 -6.81 -21.09 -15.91
C SER A 755 -6.59 -19.59 -15.89
N MET A 756 -5.33 -19.17 -15.68
CA MET A 756 -5.01 -17.78 -15.43
C MET A 756 -4.03 -17.24 -16.45
N MET A 757 -3.98 -15.91 -16.54
CA MET A 757 -2.90 -15.16 -17.18
C MET A 757 -2.43 -14.14 -16.18
N ILE A 758 -1.13 -14.14 -15.89
CA ILE A 758 -0.58 -13.32 -14.82
C ILE A 758 0.56 -12.49 -15.38
N LEU A 759 0.34 -11.20 -15.52
CA LEU A 759 1.46 -10.27 -15.52
C LEU A 759 1.47 -9.71 -14.09
N SER A 760 2.32 -8.72 -13.82
CA SER A 760 2.79 -8.33 -12.48
C SER A 760 1.73 -8.20 -11.39
N ASP A 761 0.78 -7.29 -11.52
CA ASP A 761 -0.41 -7.33 -10.67
C ASP A 761 -1.69 -7.43 -11.46
N ASP A 762 -1.65 -7.19 -12.77
CA ASP A 762 -2.82 -7.35 -13.61
C ASP A 762 -3.01 -8.83 -13.93
N ALA A 763 -4.25 -9.29 -13.89
CA ALA A 763 -4.51 -10.69 -14.14
C ALA A 763 -5.89 -10.85 -14.76
N VAL A 764 -6.01 -11.83 -15.65
CA VAL A 764 -7.29 -12.26 -16.20
C VAL A 764 -7.34 -13.79 -16.15
N VAL A 765 -8.48 -14.31 -15.68
CA VAL A 765 -8.66 -15.75 -15.57
C VAL A 765 -9.79 -16.19 -16.48
N CYS A 766 -9.76 -17.48 -16.82
CA CYS A 766 -10.82 -18.12 -17.61
C CYS A 766 -11.36 -19.29 -16.78
N PHE A 767 -12.40 -19.03 -16.00
CA PHE A 767 -12.81 -19.99 -15.00
C PHE A 767 -14.10 -20.70 -15.42
N ASN A 768 -14.40 -21.77 -14.69
CA ASN A 768 -15.58 -22.60 -14.94
C ASN A 768 -16.79 -21.95 -14.29
N SER A 769 -17.86 -21.74 -15.07
CA SER A 769 -19.01 -21.01 -14.56
C SER A 769 -19.84 -21.85 -13.61
N THR A 770 -20.06 -23.12 -13.94
CA THR A 770 -20.91 -23.97 -13.11
C THR A 770 -20.19 -24.39 -11.84
N TYR A 771 -18.87 -24.33 -11.84
CA TYR A 771 -18.14 -24.63 -10.60
C TYR A 771 -18.11 -23.43 -9.68
N ALA A 772 -17.99 -22.22 -10.24
CA ALA A 772 -17.99 -21.02 -9.40
C ALA A 772 -19.39 -20.70 -8.90
N SER A 773 -20.42 -21.00 -9.70
CA SER A 773 -21.78 -20.76 -9.27
C SER A 773 -22.19 -21.76 -8.19
N GLN A 774 -21.55 -22.92 -8.15
CA GLN A 774 -21.73 -23.88 -7.07
C GLN A 774 -20.80 -23.61 -5.90
N GLY A 775 -19.86 -22.69 -6.05
CA GLY A 775 -18.93 -22.41 -4.98
C GLY A 775 -17.80 -23.41 -4.87
N LEU A 776 -17.21 -23.80 -6.00
CA LEU A 776 -16.15 -24.80 -6.02
C LEU A 776 -14.84 -24.24 -6.54
N VAL A 777 -14.85 -23.07 -7.19
CA VAL A 777 -13.63 -22.33 -7.50
C VAL A 777 -13.88 -20.90 -7.08
N ALA A 778 -12.88 -20.05 -7.32
CA ALA A 778 -12.94 -18.68 -6.83
C ALA A 778 -13.79 -17.81 -7.73
N SER A 779 -14.56 -16.93 -7.11
CA SER A 779 -15.25 -15.84 -7.78
C SER A 779 -14.73 -14.53 -7.22
N ILE A 780 -15.40 -13.43 -7.57
CA ILE A 780 -14.95 -12.11 -7.15
C ILE A 780 -15.17 -11.91 -5.65
N LYS A 781 -16.21 -12.56 -5.10
CA LYS A 781 -16.51 -12.46 -3.68
C LYS A 781 -15.41 -13.06 -2.81
N ASN A 782 -14.85 -14.20 -3.24
CA ASN A 782 -13.77 -14.83 -2.49
C ASN A 782 -12.49 -14.02 -2.59
N PHE A 783 -12.27 -13.38 -3.75
CA PHE A 783 -11.14 -12.47 -3.90
C PHE A 783 -11.27 -11.27 -2.97
N LYS A 784 -12.49 -10.74 -2.84
CA LYS A 784 -12.73 -9.60 -1.97
C LYS A 784 -12.49 -9.96 -0.52
N SER A 785 -12.93 -11.16 -0.10
CA SER A 785 -12.70 -11.60 1.26
C SER A 785 -11.22 -11.84 1.55
N VAL A 786 -10.50 -12.43 0.59
CA VAL A 786 -9.08 -12.70 0.77
C VAL A 786 -8.28 -11.41 0.84
N LEU A 787 -8.62 -10.42 0.00
CA LEU A 787 -7.93 -9.14 0.09
C LEU A 787 -8.37 -8.34 1.31
N TYR A 788 -9.52 -8.68 1.90
CA TYR A 788 -9.89 -8.00 3.14
C TYR A 788 -9.07 -8.51 4.31
N TYR A 789 -8.92 -9.83 4.43
CA TYR A 789 -8.24 -10.33 5.63
C TYR A 789 -6.74 -10.55 5.46
N GLN A 790 -6.23 -10.74 4.24
CA GLN A 790 -4.79 -10.89 4.03
C GLN A 790 -4.10 -9.69 3.42
N ASN A 791 -4.81 -8.61 3.10
CA ASN A 791 -4.18 -7.49 2.44
C ASN A 791 -4.55 -6.15 3.04
N ASN A 792 -5.53 -6.13 3.95
CA ASN A 792 -6.00 -4.93 4.65
C ASN A 792 -6.47 -3.85 3.68
N VAL A 793 -7.09 -4.28 2.59
CA VAL A 793 -7.69 -3.37 1.62
C VAL A 793 -9.11 -3.84 1.36
N PHE A 794 -9.87 -3.00 0.66
CA PHE A 794 -11.18 -3.37 0.16
C PHE A 794 -11.16 -3.27 -1.35
N MET A 795 -11.18 -4.41 -2.01
CA MET A 795 -11.29 -4.44 -3.47
C MET A 795 -12.71 -4.06 -3.83
N SER A 796 -12.86 -2.89 -4.46
CA SER A 796 -14.17 -2.44 -4.89
C SER A 796 -14.68 -3.30 -6.02
N GLU A 797 -15.94 -3.73 -5.92
CA GLU A 797 -16.51 -4.58 -6.95
C GLU A 797 -16.80 -3.80 -8.22
N ALA A 798 -16.86 -2.47 -8.13
CA ALA A 798 -17.16 -1.65 -9.29
C ALA A 798 -16.00 -1.58 -10.26
N LYS A 799 -14.78 -1.84 -9.79
CA LYS A 799 -13.65 -1.84 -10.71
C LYS A 799 -13.50 -3.20 -11.40
N CYS A 800 -13.45 -4.27 -10.61
CA CYS A 800 -13.19 -5.59 -11.15
C CYS A 800 -14.38 -6.10 -11.95
N TRP A 801 -14.10 -6.73 -13.09
CA TRP A 801 -15.09 -7.00 -14.11
C TRP A 801 -15.30 -8.49 -14.28
N THR A 802 -16.45 -8.86 -14.86
CA THR A 802 -16.75 -10.22 -15.27
C THR A 802 -17.27 -10.19 -16.70
N GLU A 803 -16.81 -11.12 -17.52
CA GLU A 803 -17.18 -11.18 -18.93
C GLU A 803 -17.79 -12.55 -19.21
N THR A 804 -18.99 -12.55 -19.79
CA THR A 804 -19.70 -13.80 -20.02
C THR A 804 -19.45 -14.34 -21.43
N ASP A 805 -19.47 -13.46 -22.43
CA ASP A 805 -19.33 -13.87 -23.82
C ASP A 805 -17.84 -14.09 -24.11
N LEU A 806 -17.55 -15.17 -24.85
CA LEU A 806 -16.16 -15.51 -25.11
C LEU A 806 -15.62 -14.76 -26.33
N THR A 807 -16.47 -14.44 -27.29
CA THR A 807 -16.01 -13.90 -28.57
C THR A 807 -15.58 -12.45 -28.43
N LYS A 808 -16.11 -11.75 -27.42
CA LYS A 808 -15.44 -10.57 -26.91
C LYS A 808 -14.45 -11.00 -25.85
N GLY A 809 -13.22 -10.51 -25.92
CA GLY A 809 -12.17 -10.96 -25.06
C GLY A 809 -12.26 -10.39 -23.66
N PRO A 810 -11.11 -10.27 -22.99
CA PRO A 810 -11.09 -9.67 -21.65
C PRO A 810 -11.33 -8.17 -21.75
N HIS A 811 -11.96 -7.63 -20.71
CA HIS A 811 -12.33 -6.22 -20.75
C HIS A 811 -11.12 -5.32 -20.59
N GLU A 812 -10.15 -5.73 -19.77
CA GLU A 812 -9.03 -4.88 -19.44
C GLU A 812 -7.85 -5.74 -19.02
N PHE A 813 -6.79 -5.73 -19.83
CA PHE A 813 -5.54 -6.37 -19.48
C PHE A 813 -4.43 -5.48 -20.00
N CYS A 814 -3.54 -5.04 -19.10
CA CYS A 814 -2.42 -4.15 -19.39
C CYS A 814 -2.89 -2.82 -19.99
N SER A 815 -4.06 -2.36 -19.53
CA SER A 815 -4.76 -1.17 -20.02
C SER A 815 -5.01 -1.23 -21.53
N GLN A 816 -5.31 -2.43 -22.03
CA GLN A 816 -5.61 -2.63 -23.43
C GLN A 816 -6.96 -3.30 -23.54
N HIS A 817 -7.81 -2.79 -24.41
CA HIS A 817 -9.06 -3.46 -24.73
C HIS A 817 -8.83 -4.36 -25.94
N THR A 818 -9.59 -5.45 -25.99
CA THR A 818 -9.43 -6.45 -27.03
C THR A 818 -10.69 -6.53 -27.87
N MET A 819 -10.53 -6.74 -29.17
CA MET A 819 -11.65 -6.91 -30.08
C MET A 819 -11.32 -8.01 -31.09
N LEU A 820 -12.33 -8.77 -31.48
CA LEU A 820 -12.14 -9.83 -32.44
C LEU A 820 -12.29 -9.29 -33.86
N VAL A 821 -11.34 -9.60 -34.73
CA VAL A 821 -11.34 -9.05 -36.07
C VAL A 821 -10.89 -10.13 -37.04
N LYS A 822 -11.29 -9.99 -38.30
CA LYS A 822 -10.92 -10.91 -39.37
C LYS A 822 -9.70 -10.34 -40.09
N GLN A 823 -8.52 -10.85 -39.73
CA GLN A 823 -7.27 -10.45 -40.35
C GLN A 823 -6.78 -11.60 -41.22
N GLY A 824 -6.63 -11.33 -42.52
CA GLY A 824 -6.34 -12.42 -43.42
C GLY A 824 -7.62 -13.16 -43.74
N ASP A 825 -7.77 -14.35 -43.14
CA ASP A 825 -8.99 -15.14 -43.28
C ASP A 825 -9.49 -15.73 -41.97
N ASP A 826 -8.71 -15.65 -40.91
CA ASP A 826 -9.10 -16.23 -39.63
C ASP A 826 -9.29 -15.11 -38.61
N TYR A 827 -10.10 -15.40 -37.60
CA TYR A 827 -10.47 -14.41 -36.61
C TYR A 827 -9.34 -14.23 -35.59
N VAL A 828 -8.85 -13.00 -35.47
CA VAL A 828 -7.67 -12.68 -34.67
C VAL A 828 -8.06 -11.67 -33.61
N TYR A 829 -7.72 -11.95 -32.36
CA TYR A 829 -7.88 -10.97 -31.30
C TYR A 829 -6.80 -9.91 -31.40
N LEU A 830 -7.20 -8.64 -31.25
CA LEU A 830 -6.25 -7.55 -31.34
C LEU A 830 -6.38 -6.63 -30.13
N PRO A 831 -5.26 -6.15 -29.59
CA PRO A 831 -5.35 -5.19 -28.48
C PRO A 831 -5.37 -3.74 -28.93
N TYR A 832 -6.36 -2.97 -28.48
CA TYR A 832 -6.36 -1.55 -28.78
C TYR A 832 -6.42 -0.74 -27.50
N PRO A 833 -5.76 0.41 -27.42
CA PRO A 833 -5.81 1.22 -26.20
C PRO A 833 -7.01 2.14 -26.20
N ASP A 834 -7.14 2.90 -25.11
CA ASP A 834 -8.10 3.99 -25.11
C ASP A 834 -7.57 5.12 -25.98
N PRO A 835 -8.41 5.72 -26.83
CA PRO A 835 -7.90 6.74 -27.75
C PRO A 835 -7.51 8.04 -27.05
N SER A 836 -8.07 8.28 -25.87
CA SER A 836 -7.69 9.45 -25.08
C SER A 836 -6.24 9.36 -24.62
N ARG A 837 -5.76 8.16 -24.34
CA ARG A 837 -4.38 7.98 -23.90
C ARG A 837 -3.40 8.26 -25.03
N ILE A 838 -3.70 7.77 -26.23
CA ILE A 838 -2.84 8.00 -27.39
C ILE A 838 -2.88 9.46 -27.80
N LEU A 839 -4.06 10.08 -27.74
CA LEU A 839 -4.18 11.49 -28.10
C LEU A 839 -3.46 12.39 -27.11
N GLY A 840 -3.56 12.07 -25.81
CA GLY A 840 -2.88 12.87 -24.81
C GLY A 840 -1.38 12.66 -24.84
N ALA A 841 -0.92 11.48 -25.24
CA ALA A 841 0.51 11.30 -25.44
C ALA A 841 0.99 12.04 -26.68
N GLY A 842 0.09 12.24 -27.65
CA GLY A 842 0.47 12.97 -28.84
C GLY A 842 0.56 14.47 -28.62
N CYS A 843 -0.41 15.04 -27.90
CA CYS A 843 -0.47 16.49 -27.82
C CYS A 843 0.24 17.03 -26.59
N PHE A 844 0.53 16.19 -25.61
CA PHE A 844 1.32 16.60 -24.45
C PHE A 844 2.61 15.79 -24.37
N VAL A 845 3.74 16.48 -24.36
CA VAL A 845 5.05 15.86 -24.25
C VAL A 845 5.62 16.20 -22.88
N ASP A 846 6.67 15.47 -22.48
CA ASP A 846 7.22 15.65 -21.14
C ASP A 846 8.30 16.73 -21.11
N ASP A 847 8.95 16.97 -22.24
CA ASP A 847 9.98 18.01 -22.32
C ASP A 847 9.86 18.70 -23.66
N ILE A 848 10.22 19.99 -23.68
CA ILE A 848 10.00 20.82 -24.87
C ILE A 848 11.02 20.49 -25.96
N VAL A 849 12.14 19.86 -25.59
CA VAL A 849 13.12 19.47 -26.60
C VAL A 849 12.60 18.27 -27.41
N LYS A 850 11.60 17.56 -26.87
CA LYS A 850 11.00 16.45 -27.59
C LYS A 850 9.98 16.91 -28.63
N THR A 851 9.76 18.21 -28.75
CA THR A 851 8.92 18.73 -29.82
C THR A 851 9.73 19.10 -31.05
N ASP A 852 10.96 18.62 -31.17
CA ASP A 852 11.72 18.78 -32.39
C ASP A 852 11.34 17.68 -33.38
N GLY A 853 11.37 18.03 -34.67
CA GLY A 853 10.78 17.15 -35.68
C GLY A 853 11.50 15.83 -35.85
N THR A 854 12.83 15.82 -35.63
CA THR A 854 13.60 14.59 -35.73
C THR A 854 13.28 13.64 -34.58
N LEU A 855 12.71 14.15 -33.49
CA LEU A 855 12.26 13.27 -32.42
C LEU A 855 10.76 13.00 -32.53
N MET A 856 10.01 13.94 -33.09
CA MET A 856 8.57 13.74 -33.19
C MET A 856 8.22 12.74 -34.30
N ILE A 857 9.07 12.58 -35.31
CA ILE A 857 8.79 11.53 -36.29
C ILE A 857 8.87 10.15 -35.65
N GLU A 858 9.86 9.94 -34.76
CA GLU A 858 10.01 8.68 -34.05
C GLU A 858 8.91 8.49 -33.02
N ARG A 859 8.60 9.56 -32.27
CA ARG A 859 7.54 9.53 -31.27
C ARG A 859 6.18 9.23 -31.91
N PHE A 860 5.92 9.80 -33.07
CA PHE A 860 4.61 9.63 -33.68
C PHE A 860 4.51 8.32 -34.44
N VAL A 861 5.61 7.78 -34.98
CA VAL A 861 5.51 6.47 -35.59
C VAL A 861 5.36 5.39 -34.51
N SER A 862 5.94 5.62 -33.32
CA SER A 862 5.72 4.69 -32.22
C SER A 862 4.28 4.77 -31.71
N LEU A 863 3.74 5.98 -31.64
CA LEU A 863 2.36 6.15 -31.21
C LEU A 863 1.38 5.58 -32.24
N ALA A 864 1.76 5.59 -33.52
CA ALA A 864 0.88 5.03 -34.54
C ALA A 864 0.96 3.51 -34.58
N ILE A 865 2.13 2.96 -34.25
CA ILE A 865 2.25 1.51 -34.09
C ILE A 865 1.39 1.05 -32.92
N ASP A 866 1.36 1.82 -31.84
CA ASP A 866 0.48 1.48 -30.72
C ASP A 866 -0.99 1.70 -31.05
N ALA A 867 -1.29 2.56 -32.02
CA ALA A 867 -2.67 2.92 -32.30
C ALA A 867 -3.22 2.35 -33.60
N TYR A 868 -2.59 1.33 -34.19
CA TYR A 868 -3.16 0.72 -35.38
C TYR A 868 -4.49 -0.03 -35.17
N PRO A 869 -4.69 -0.86 -34.13
CA PRO A 869 -5.95 -1.64 -34.09
C PRO A 869 -7.20 -0.85 -33.75
N LEU A 870 -7.15 0.48 -33.75
CA LEU A 870 -8.37 1.26 -33.62
C LEU A 870 -9.11 1.37 -34.94
N THR A 871 -8.45 1.08 -36.07
CA THR A 871 -9.10 1.18 -37.38
C THR A 871 -10.14 0.09 -37.56
N LYS A 872 -9.99 -1.01 -36.83
CA LYS A 872 -10.94 -2.10 -36.94
C LYS A 872 -12.14 -1.90 -36.03
N HIS A 873 -12.11 -0.85 -35.20
CA HIS A 873 -13.18 -0.65 -34.25
C HIS A 873 -14.42 -0.14 -34.96
N PRO A 874 -15.62 -0.51 -34.51
CA PRO A 874 -16.83 -0.04 -35.21
C PRO A 874 -17.10 1.45 -35.06
N ASN A 875 -16.63 2.06 -33.98
CA ASN A 875 -16.81 3.51 -33.80
C ASN A 875 -15.88 4.26 -34.73
N GLN A 876 -16.42 5.26 -35.43
CA GLN A 876 -15.71 5.84 -36.57
C GLN A 876 -14.60 6.80 -36.14
N GLU A 877 -14.81 7.56 -35.07
CA GLU A 877 -13.78 8.48 -34.61
C GLU A 877 -12.59 7.74 -34.00
N TYR A 878 -12.85 6.57 -33.40
CA TYR A 878 -11.78 5.68 -32.98
C TYR A 878 -10.95 5.25 -34.17
N ALA A 879 -11.62 4.95 -35.29
CA ALA A 879 -10.91 4.55 -36.51
C ALA A 879 -10.17 5.74 -37.12
N ASP A 880 -10.66 6.96 -36.89
CA ASP A 880 -10.00 8.12 -37.47
C ASP A 880 -8.82 8.58 -36.64
N VAL A 881 -8.68 8.07 -35.42
CA VAL A 881 -7.49 8.38 -34.60
C VAL A 881 -6.21 7.96 -35.32
N PHE A 882 -6.15 6.73 -35.83
CA PHE A 882 -4.94 6.27 -36.51
C PHE A 882 -4.75 6.97 -37.85
N HIS A 883 -5.85 7.33 -38.51
CA HIS A 883 -5.74 8.08 -39.76
C HIS A 883 -5.18 9.47 -39.52
N LEU A 884 -5.56 10.09 -38.41
CA LEU A 884 -5.00 11.39 -38.03
C LEU A 884 -3.52 11.28 -37.72
N TYR A 885 -3.13 10.23 -36.98
CA TYR A 885 -1.71 10.04 -36.68
C TYR A 885 -0.89 9.76 -37.93
N LEU A 886 -1.45 8.96 -38.85
CA LEU A 886 -0.75 8.65 -40.09
C LEU A 886 -0.64 9.87 -40.99
N GLN A 887 -1.69 10.71 -41.04
CA GLN A 887 -1.63 11.92 -41.85
C GLN A 887 -0.66 12.93 -41.25
N TYR A 888 -0.52 12.94 -39.91
CA TYR A 888 0.46 13.83 -39.31
C TYR A 888 1.88 13.35 -39.57
N ILE A 889 2.10 12.02 -39.59
CA ILE A 889 3.41 11.49 -39.96
C ILE A 889 3.71 11.77 -41.43
N ARG A 890 2.67 11.71 -42.28
CA ARG A 890 2.83 12.08 -43.68
C ARG A 890 3.21 13.55 -43.84
N LYS A 891 2.55 14.43 -43.08
CA LYS A 891 2.85 15.85 -43.09
C LYS A 891 4.29 16.12 -42.65
N LEU A 892 4.70 15.50 -41.55
CA LEU A 892 6.05 15.71 -41.02
C LEU A 892 7.11 15.15 -41.94
N HIS A 893 6.86 13.98 -42.53
CA HIS A 893 7.85 13.36 -43.40
C HIS A 893 7.95 14.08 -44.74
N ASP A 894 6.84 14.63 -45.22
CA ASP A 894 6.88 15.42 -46.44
C ASP A 894 7.46 16.80 -46.18
N GLU A 895 7.52 17.21 -44.92
CA GLU A 895 8.22 18.44 -44.60
C GLU A 895 9.74 18.26 -44.77
N LEU A 896 10.33 17.28 -44.06
CA LEU A 896 11.77 17.12 -44.13
C LEU A 896 12.15 16.05 -45.14
N ASN A 912 7.66 -0.79 -50.27
CA ASN A 912 7.78 0.27 -49.27
C ASN A 912 7.00 -0.07 -48.02
N THR A 913 6.75 -1.37 -47.82
CA THR A 913 6.04 -1.81 -46.62
C THR A 913 6.94 -1.79 -45.40
N SER A 914 8.25 -1.70 -45.59
CA SER A 914 9.18 -1.51 -44.48
C SER A 914 9.38 -0.03 -44.14
N ARG A 915 8.83 0.86 -44.95
CA ARG A 915 8.89 2.29 -44.71
C ARG A 915 7.56 2.78 -44.16
N TYR A 916 7.62 3.77 -43.26
CA TYR A 916 6.64 3.95 -42.21
C TYR A 916 5.63 5.05 -42.46
N TRP A 917 5.37 5.42 -43.72
CA TRP A 917 4.29 6.36 -43.98
C TRP A 917 3.13 5.74 -44.73
N GLU A 918 3.02 4.42 -44.76
CA GLU A 918 1.95 3.72 -45.45
C GLU A 918 1.45 2.58 -44.54
N PRO A 919 0.14 2.40 -44.40
CA PRO A 919 -0.38 1.64 -43.25
C PRO A 919 -0.19 0.13 -43.29
N GLU A 920 0.36 -0.45 -44.36
CA GLU A 920 0.63 -1.88 -44.30
C GLU A 920 1.86 -2.17 -43.45
N PHE A 921 2.72 -1.15 -43.25
CA PHE A 921 3.76 -1.24 -42.24
C PHE A 921 3.17 -1.43 -40.84
N TYR A 922 2.02 -0.82 -40.58
CA TYR A 922 1.42 -0.91 -39.26
C TYR A 922 0.52 -2.13 -39.14
N GLU A 923 0.05 -2.67 -40.27
CA GLU A 923 -0.69 -3.92 -40.15
C GLU A 923 0.24 -5.13 -40.19
N ALA A 924 1.49 -4.94 -40.59
CA ALA A 924 2.45 -6.04 -40.51
C ALA A 924 2.87 -6.32 -39.08
N MET A 925 2.66 -5.38 -38.17
CA MET A 925 3.05 -5.58 -36.78
C MET A 925 2.06 -6.48 -36.04
N TYR A 926 0.92 -6.79 -36.63
CA TYR A 926 -0.07 -7.62 -35.97
C TYR A 926 -0.39 -8.88 -36.75
N THR A 927 0.31 -9.15 -37.85
CA THR A 927 0.15 -10.42 -38.55
C THR A 927 1.03 -11.47 -37.87
N PRO A 928 0.54 -12.69 -37.68
CA PRO A 928 1.30 -13.68 -36.88
C PRO A 928 2.58 -14.15 -37.52
N HIS A 929 2.64 -14.15 -38.85
CA HIS A 929 3.89 -14.51 -39.51
C HIS A 929 4.82 -13.31 -39.49
N THR A 930 6.03 -13.53 -38.99
CA THR A 930 7.00 -12.44 -38.89
C THR A 930 8.00 -12.52 -40.05
N ASP B 79 43.38 5.92 -13.41
CA ASP B 79 42.08 5.28 -13.37
C ASP B 79 41.05 6.23 -12.77
N LYS B 80 39.78 6.04 -13.16
CA LYS B 80 38.70 6.79 -12.53
C LYS B 80 38.16 6.07 -11.31
N ARG B 81 38.50 4.79 -11.14
CA ARG B 81 38.16 4.10 -9.90
C ARG B 81 38.95 4.68 -8.72
N ALA B 82 40.17 5.15 -8.98
CA ALA B 82 40.93 5.85 -7.96
C ALA B 82 40.30 7.20 -7.63
N LYS B 83 39.73 7.85 -8.64
CA LYS B 83 39.07 9.14 -8.42
C LYS B 83 37.80 8.99 -7.59
N VAL B 84 36.98 7.98 -7.90
CA VAL B 84 35.75 7.80 -7.14
C VAL B 84 36.05 7.23 -5.76
N THR B 85 37.14 6.47 -5.63
CA THR B 85 37.48 5.96 -4.30
C THR B 85 38.10 7.06 -3.44
N SER B 86 38.72 8.07 -4.08
CA SER B 86 39.17 9.24 -3.34
C SER B 86 37.98 10.07 -2.89
N ALA B 87 36.95 10.19 -3.75
CA ALA B 87 35.75 10.93 -3.38
C ALA B 87 35.01 10.27 -2.22
N MET B 88 34.86 8.94 -2.27
CA MET B 88 34.21 8.22 -1.19
C MET B 88 35.07 8.21 0.07
N GLN B 89 36.40 8.22 -0.09
CA GLN B 89 37.29 8.31 1.06
C GLN B 89 37.16 9.65 1.77
N THR B 90 37.09 10.74 0.99
CA THR B 90 36.93 12.06 1.59
C THR B 90 35.56 12.24 2.22
N MET B 91 34.52 11.62 1.64
CA MET B 91 33.20 11.79 2.24
C MET B 91 33.07 10.96 3.51
N LEU B 92 33.73 9.80 3.57
CA LEU B 92 33.80 9.06 4.83
C LEU B 92 34.60 9.82 5.88
N PHE B 93 35.70 10.47 5.46
CA PHE B 93 36.52 11.21 6.41
C PHE B 93 35.79 12.45 6.93
N THR B 94 35.05 13.13 6.07
CA THR B 94 34.26 14.29 6.51
C THR B 94 33.11 13.84 7.42
N MET B 95 32.47 12.73 7.07
CA MET B 95 31.29 12.28 7.80
C MET B 95 31.67 11.68 9.15
N LEU B 96 32.95 11.31 9.32
CA LEU B 96 33.37 10.90 10.66
C LEU B 96 33.78 12.10 11.52
N ARG B 97 34.30 13.17 10.90
CA ARG B 97 34.57 14.38 11.67
C ARG B 97 33.28 15.07 12.11
N LYS B 98 32.20 14.88 11.35
CA LYS B 98 30.92 15.48 11.72
C LYS B 98 30.39 14.89 13.03
N LEU B 99 30.71 13.63 13.31
CA LEU B 99 30.41 13.04 14.60
C LEU B 99 31.32 13.64 15.67
N ASP B 100 30.74 13.94 16.83
CA ASP B 100 31.52 14.24 18.02
C ASP B 100 31.29 13.12 19.04
N ASN B 101 32.38 12.61 19.61
CA ASN B 101 32.38 11.22 20.07
C ASN B 101 31.97 11.09 21.53
N ASP B 102 31.45 12.16 22.15
CA ASP B 102 31.16 12.12 23.58
C ASP B 102 29.96 11.22 23.89
N ALA B 103 28.77 11.62 23.45
CA ALA B 103 27.57 10.85 23.74
C ALA B 103 27.50 9.60 22.88
N LEU B 104 28.26 9.58 21.78
CA LEU B 104 28.39 8.36 21.00
C LEU B 104 29.19 7.31 21.78
N ASN B 105 30.35 7.69 22.30
CA ASN B 105 31.18 6.78 23.08
C ASN B 105 30.50 6.34 24.36
N ASN B 106 29.69 7.22 24.97
CA ASN B 106 28.99 6.87 26.20
C ASN B 106 28.00 5.72 26.00
N ILE B 107 27.13 5.82 25.00
CA ILE B 107 26.12 4.78 24.80
C ILE B 107 26.70 3.57 24.08
N ILE B 108 27.79 3.70 23.31
CA ILE B 108 28.40 2.52 22.72
C ILE B 108 29.14 1.72 23.77
N ASN B 109 29.93 2.38 24.62
CA ASN B 109 30.68 1.68 25.65
C ASN B 109 29.80 1.26 26.82
N ASN B 110 28.59 1.81 26.95
CA ASN B 110 27.66 1.32 27.97
C ASN B 110 26.88 0.10 27.49
N ALA B 111 26.94 -0.22 26.19
CA ALA B 111 26.27 -1.40 25.68
C ALA B 111 26.93 -2.67 26.17
N ARG B 112 26.17 -3.77 26.19
CA ARG B 112 26.68 -5.01 26.73
C ARG B 112 27.41 -5.83 25.68
N ASP B 113 26.80 -6.02 24.51
CA ASP B 113 27.43 -6.73 23.41
C ASP B 113 28.28 -5.82 22.54
N GLY B 114 28.32 -4.52 22.84
CA GLY B 114 29.06 -3.58 22.04
C GLY B 114 28.31 -2.98 20.88
N CYS B 115 27.06 -3.38 20.64
CA CYS B 115 26.29 -2.87 19.52
C CYS B 115 24.95 -2.33 20.00
N VAL B 116 24.47 -1.29 19.30
CA VAL B 116 23.23 -0.60 19.63
C VAL B 116 22.41 -0.48 18.36
N PRO B 117 21.09 -0.28 18.48
CA PRO B 117 20.27 0.03 17.31
C PRO B 117 20.67 1.38 16.70
N LEU B 118 20.51 1.49 15.38
CA LEU B 118 20.83 2.74 14.71
C LEU B 118 19.76 3.79 14.98
N ASN B 119 18.56 3.36 15.35
CA ASN B 119 17.46 4.30 15.49
C ASN B 119 17.56 5.12 16.77
N ILE B 120 18.45 4.73 17.69
CA ILE B 120 18.69 5.52 18.88
C ILE B 120 19.99 6.30 18.84
N ILE B 121 20.77 6.19 17.76
CA ILE B 121 21.99 6.97 17.65
C ILE B 121 21.73 8.47 17.48
N PRO B 122 20.89 8.93 16.55
CA PRO B 122 20.62 10.38 16.56
C PRO B 122 19.62 10.78 17.62
N LEU B 123 18.86 9.81 18.16
CA LEU B 123 17.88 10.14 19.18
C LEU B 123 18.55 10.51 20.50
N THR B 124 19.75 9.98 20.74
CA THR B 124 20.48 10.22 21.98
C THR B 124 21.86 10.81 21.76
N THR B 125 22.22 11.15 20.51
CA THR B 125 23.57 11.62 20.22
C THR B 125 23.57 12.98 19.51
N ALA B 126 22.56 13.27 18.70
CA ALA B 126 22.57 14.43 17.82
C ALA B 126 22.36 15.70 18.62
N ALA B 127 22.94 16.81 18.14
CA ALA B 127 22.77 18.09 18.78
C ALA B 127 21.55 18.83 18.24
N LYS B 128 21.47 18.97 16.92
CA LYS B 128 20.37 19.68 16.29
C LYS B 128 19.13 18.79 16.22
N LEU B 129 17.97 19.44 16.25
CA LEU B 129 16.69 18.80 15.99
C LEU B 129 15.96 19.64 14.95
N MET B 130 15.35 18.96 13.97
CA MET B 130 14.54 19.64 12.97
C MET B 130 13.14 19.05 13.03
N VAL B 131 12.17 19.89 13.34
CA VAL B 131 10.76 19.51 13.33
C VAL B 131 10.13 20.17 12.12
N VAL B 132 9.41 19.40 11.33
CA VAL B 132 8.61 19.94 10.23
C VAL B 132 7.15 19.88 10.65
N ILE B 133 6.51 21.04 10.73
CA ILE B 133 5.17 21.18 11.27
C ILE B 133 4.25 21.58 10.12
N PRO B 134 3.20 20.82 9.82
CA PRO B 134 2.40 21.12 8.63
C PRO B 134 1.40 22.25 8.80
N ASP B 135 0.80 22.40 9.98
CA ASP B 135 -0.26 23.37 10.20
C ASP B 135 -0.03 24.08 11.52
N TYR B 136 -1.02 24.85 11.95
CA TYR B 136 -0.86 25.59 13.20
C TYR B 136 -1.30 24.79 14.41
N ASN B 137 -2.27 23.88 14.24
CA ASN B 137 -2.73 23.08 15.38
C ASN B 137 -1.69 22.03 15.79
N THR B 138 -0.81 21.63 14.89
CA THR B 138 0.30 20.76 15.25
C THR B 138 1.38 21.54 16.00
N TYR B 139 1.55 22.83 15.67
CA TYR B 139 2.56 23.67 16.31
C TYR B 139 2.27 23.87 17.80
N LYS B 140 1.01 24.03 18.18
CA LYS B 140 0.70 24.31 19.57
C LYS B 140 0.81 23.09 20.46
N ASN B 141 0.87 21.88 19.87
CA ASN B 141 0.97 20.67 20.65
C ASN B 141 2.42 20.19 20.79
N THR B 142 3.20 20.24 19.71
CA THR B 142 4.55 19.72 19.78
C THR B 142 5.54 20.75 20.34
N CYS B 143 5.73 21.87 19.64
CA CYS B 143 6.75 22.85 20.02
C CYS B 143 6.15 24.25 20.02
N ASP B 144 5.57 24.63 21.15
CA ASP B 144 5.05 25.99 21.33
C ASP B 144 5.89 26.70 22.38
N GLY B 145 6.31 27.90 22.07
CA GLY B 145 7.17 28.65 22.98
C GLY B 145 8.61 28.66 22.51
N THR B 146 9.52 28.83 23.47
CA THR B 146 10.94 28.79 23.16
C THR B 146 11.59 27.47 23.58
N THR B 147 10.94 26.68 24.41
CA THR B 147 11.43 25.37 24.80
C THR B 147 10.33 24.33 24.63
N PHE B 148 10.73 23.09 24.39
CA PHE B 148 9.81 21.97 24.25
C PHE B 148 10.57 20.69 24.56
N THR B 149 9.81 19.65 24.92
CA THR B 149 10.38 18.39 25.39
C THR B 149 10.06 17.30 24.38
N TYR B 150 11.09 16.84 23.67
CA TYR B 150 10.97 15.69 22.79
C TYR B 150 12.17 14.80 23.02
N ALA B 151 11.92 13.47 22.97
CA ALA B 151 12.94 12.42 23.15
C ALA B 151 13.61 12.51 24.52
N SER B 152 12.79 12.83 25.54
CA SER B 152 13.20 12.91 26.95
C SER B 152 14.34 13.90 27.16
N ALA B 153 14.29 15.03 26.45
CA ALA B 153 15.29 16.06 26.62
C ALA B 153 14.62 17.41 26.44
N LEU B 154 15.32 18.47 26.81
CA LEU B 154 14.88 19.84 26.60
C LEU B 154 15.57 20.39 25.36
N TRP B 155 14.79 21.07 24.51
CA TRP B 155 15.29 21.65 23.28
C TRP B 155 15.03 23.14 23.26
N GLU B 156 16.05 23.92 22.93
CA GLU B 156 15.92 25.37 22.80
C GLU B 156 15.85 25.73 21.31
N ILE B 157 14.79 26.43 20.92
CA ILE B 157 14.51 26.73 19.52
C ILE B 157 15.52 27.77 19.05
N GLN B 158 16.34 27.40 18.07
CA GLN B 158 17.31 28.34 17.53
C GLN B 158 16.71 29.19 16.42
N GLN B 159 15.99 28.56 15.50
CA GLN B 159 15.52 29.25 14.30
C GLN B 159 14.24 28.58 13.80
N VAL B 160 13.40 29.37 13.15
CA VAL B 160 12.18 28.88 12.50
C VAL B 160 12.19 29.40 11.08
N VAL B 161 12.14 28.49 10.11
CA VAL B 161 12.26 28.81 8.69
C VAL B 161 11.11 28.15 7.95
N ASP B 162 10.40 28.94 7.14
CA ASP B 162 9.27 28.43 6.38
C ASP B 162 9.75 27.76 5.09
N ALA B 163 8.79 27.34 4.26
CA ALA B 163 9.10 26.48 3.12
C ALA B 163 9.80 27.24 2.00
N ASP B 164 9.71 28.57 2.00
CA ASP B 164 10.42 29.37 1.01
C ASP B 164 11.85 29.70 1.41
N SER B 165 12.39 29.01 2.41
CA SER B 165 13.73 29.21 3.01
C SER B 165 13.91 30.61 3.59
N LYS B 166 12.83 31.29 3.99
CA LYS B 166 12.97 32.60 4.61
C LYS B 166 13.00 32.45 6.12
N ILE B 167 13.55 33.45 6.81
CA ILE B 167 13.61 33.40 8.26
C ILE B 167 12.30 33.93 8.83
N VAL B 168 11.69 33.14 9.72
CA VAL B 168 10.42 33.48 10.34
C VAL B 168 10.68 33.72 11.83
N GLN B 169 10.12 34.80 12.35
CA GLN B 169 10.22 35.07 13.78
C GLN B 169 9.20 34.25 14.55
N LEU B 170 9.40 34.16 15.86
CA LEU B 170 8.46 33.42 16.70
C LEU B 170 7.16 34.19 16.88
N SER B 171 7.21 35.51 16.72
CA SER B 171 6.01 36.32 16.93
C SER B 171 5.07 36.26 15.73
N GLU B 172 5.58 35.88 14.56
CA GLU B 172 4.74 35.77 13.38
C GLU B 172 3.79 34.59 13.48
N ILE B 173 4.16 33.56 14.24
CA ILE B 173 3.37 32.35 14.32
C ILE B 173 2.20 32.58 15.27
N SER B 174 1.04 32.90 14.72
CA SER B 174 -0.17 33.07 15.50
C SER B 174 -1.34 32.59 14.67
N MET B 175 -2.50 32.44 15.32
CA MET B 175 -3.66 31.86 14.64
C MET B 175 -4.23 32.82 13.60
N ASP B 176 -4.15 34.13 13.86
CA ASP B 176 -4.65 35.10 12.90
C ASP B 176 -3.67 35.30 11.74
N ASN B 177 -2.39 35.04 11.97
CA ASN B 177 -1.37 35.17 10.94
C ASN B 177 -1.10 33.86 10.21
N SER B 178 -1.69 32.76 10.67
CA SER B 178 -1.36 31.45 10.09
C SER B 178 -1.74 31.23 8.63
N PRO B 179 -2.81 31.82 8.06
CA PRO B 179 -2.95 31.69 6.60
C PRO B 179 -1.95 32.52 5.80
N ASN B 180 -1.29 33.48 6.43
CA ASN B 180 -0.29 34.25 5.70
C ASN B 180 1.05 33.53 5.69
N LEU B 181 1.24 32.55 6.56
CA LEU B 181 2.50 31.84 6.62
C LEU B 181 2.59 30.77 5.55
N ALA B 182 3.80 30.57 5.01
CA ALA B 182 4.05 29.56 4.00
C ALA B 182 4.36 28.25 4.71
N TRP B 183 3.33 27.47 4.99
CA TRP B 183 3.47 26.17 5.60
C TRP B 183 4.12 25.19 4.63
N PRO B 184 4.90 24.22 5.11
CA PRO B 184 5.27 23.87 6.50
C PRO B 184 6.40 24.71 7.08
N LEU B 185 6.45 24.78 8.41
CA LEU B 185 7.53 25.44 9.13
C LEU B 185 8.58 24.42 9.50
N ILE B 186 9.84 24.81 9.43
CA ILE B 186 10.97 23.94 9.73
C ILE B 186 11.74 24.56 10.88
N VAL B 187 11.41 24.21 12.11
CA VAL B 187 12.04 24.80 13.29
C VAL B 187 13.34 24.05 13.55
N THR B 188 14.28 24.72 14.19
CA THR B 188 15.60 24.16 14.46
C THR B 188 15.92 24.33 15.93
N ALA B 189 16.15 23.22 16.62
CA ALA B 189 16.35 23.25 18.06
C ALA B 189 17.70 22.64 18.40
N LEU B 190 18.23 23.03 19.56
CA LEU B 190 19.52 22.55 20.03
C LEU B 190 19.32 21.83 21.36
N ARG B 191 20.19 20.87 21.64
CA ARG B 191 20.10 20.14 22.89
C ARG B 191 20.61 20.99 24.04
N ALA B 192 19.86 20.99 25.14
CA ALA B 192 20.20 21.80 26.30
C ALA B 192 21.38 21.20 27.05
N LYS C 3 -14.32 22.92 -27.53
CA LYS C 3 -14.53 24.09 -26.68
C LYS C 3 -13.84 23.95 -25.35
N MET C 4 -14.24 22.93 -24.59
CA MET C 4 -13.67 22.69 -23.26
C MET C 4 -12.27 22.13 -23.36
N SER C 5 -11.94 21.49 -24.48
CA SER C 5 -10.61 20.92 -24.65
C SER C 5 -9.55 22.03 -24.80
N ASP C 6 -9.94 23.15 -25.41
CA ASP C 6 -9.00 24.25 -25.56
C ASP C 6 -8.76 24.95 -24.24
N VAL C 7 -9.73 24.87 -23.31
CA VAL C 7 -9.55 25.43 -21.98
C VAL C 7 -8.46 24.66 -21.22
N LYS C 8 -8.49 23.33 -21.30
CA LYS C 8 -7.47 22.52 -20.66
C LYS C 8 -6.12 22.69 -21.34
N CYS C 9 -6.12 22.74 -22.67
CA CYS C 9 -4.88 22.93 -23.40
C CYS C 9 -4.29 24.32 -23.25
N THR C 10 -5.09 25.31 -22.81
CA THR C 10 -4.47 26.60 -22.52
C THR C 10 -4.15 26.73 -21.04
N SER C 11 -4.79 25.95 -20.17
CA SER C 11 -4.41 26.00 -18.76
C SER C 11 -3.06 25.33 -18.53
N VAL C 12 -2.76 24.29 -19.30
CA VAL C 12 -1.46 23.63 -19.15
C VAL C 12 -0.33 24.56 -19.60
N VAL C 13 -0.57 25.37 -20.62
CA VAL C 13 0.50 26.24 -21.10
C VAL C 13 0.55 27.52 -20.27
N LEU C 14 -0.57 27.88 -19.63
CA LEU C 14 -0.54 28.98 -18.68
C LEU C 14 0.27 28.62 -17.44
N LEU C 15 0.09 27.39 -16.92
CA LEU C 15 0.90 26.95 -15.79
C LEU C 15 2.35 26.73 -16.20
N SER C 16 2.59 26.42 -17.47
CA SER C 16 3.98 26.34 -17.95
C SER C 16 4.65 27.71 -17.99
N VAL C 17 3.92 28.74 -18.44
CA VAL C 17 4.46 30.11 -18.42
C VAL C 17 4.69 30.58 -16.99
N LEU C 18 3.77 30.23 -16.08
CA LEU C 18 3.94 30.58 -14.67
C LEU C 18 5.16 29.89 -14.06
N GLN C 19 5.35 28.60 -14.38
CA GLN C 19 6.51 27.88 -13.86
C GLN C 19 7.80 28.39 -14.48
N GLN C 20 7.73 28.96 -15.68
CA GLN C 20 8.92 29.56 -16.27
C GLN C 20 9.20 30.95 -15.72
N LEU C 21 8.18 31.65 -15.19
CA LEU C 21 8.38 32.94 -14.54
C LEU C 21 8.80 32.82 -13.08
N ARG C 22 9.28 31.64 -12.66
CA ARG C 22 9.84 31.37 -11.34
C ARG C 22 8.84 31.65 -10.22
N VAL C 23 7.60 31.21 -10.41
CA VAL C 23 6.61 31.33 -9.35
C VAL C 23 6.67 30.12 -8.43
N GLU C 24 7.38 29.07 -8.84
CA GLU C 24 7.50 27.89 -7.99
C GLU C 24 8.49 28.09 -6.85
N SER C 25 9.24 29.19 -6.86
CA SER C 25 10.06 29.54 -5.70
C SER C 25 9.18 29.93 -4.52
N SER C 26 8.05 30.57 -4.78
CA SER C 26 7.05 30.86 -3.76
C SER C 26 6.12 29.66 -3.63
N SER C 27 6.13 29.02 -2.47
CA SER C 27 5.35 27.80 -2.29
C SER C 27 3.87 28.09 -2.14
N LYS C 28 3.54 29.21 -1.47
CA LYS C 28 2.15 29.52 -1.15
C LYS C 28 1.36 29.87 -2.40
N LEU C 29 2.01 30.46 -3.40
CA LEU C 29 1.36 30.77 -4.66
C LEU C 29 1.30 29.55 -5.58
N TRP C 30 2.39 28.78 -5.63
CA TRP C 30 2.46 27.62 -6.51
C TRP C 30 1.50 26.51 -6.08
N ALA C 31 1.21 26.41 -4.78
CA ALA C 31 0.27 25.41 -4.30
C ALA C 31 -1.14 25.67 -4.82
N GLN C 32 -1.60 26.92 -4.76
CA GLN C 32 -2.93 27.21 -5.28
C GLN C 32 -2.96 27.28 -6.80
N CYS C 33 -1.81 27.57 -7.44
CA CYS C 33 -1.73 27.44 -8.89
C CYS C 33 -1.93 26.00 -9.35
N VAL C 34 -1.24 25.05 -8.71
CA VAL C 34 -1.41 23.66 -9.15
C VAL C 34 -2.75 23.11 -8.70
N GLN C 35 -3.34 23.65 -7.63
CA GLN C 35 -4.70 23.24 -7.27
C GLN C 35 -5.71 23.69 -8.31
N LEU C 36 -5.60 24.94 -8.77
CA LEU C 36 -6.47 25.45 -9.83
C LEU C 36 -6.25 24.69 -11.14
N HIS C 37 -5.00 24.38 -11.47
CA HIS C 37 -4.71 23.68 -12.72
C HIS C 37 -5.20 22.24 -12.70
N ASN C 38 -5.04 21.55 -11.57
CA ASN C 38 -5.51 20.17 -11.47
C ASN C 38 -7.03 20.10 -11.46
N ASP C 39 -7.69 21.08 -10.85
CA ASP C 39 -9.16 21.04 -10.87
C ASP C 39 -9.71 21.66 -12.14
N ILE C 40 -8.86 22.27 -12.98
CA ILE C 40 -9.27 22.59 -14.34
C ILE C 40 -9.24 21.32 -15.18
N LEU C 41 -8.14 20.56 -15.09
CA LEU C 41 -7.99 19.37 -15.92
C LEU C 41 -8.94 18.26 -15.50
N LEU C 42 -9.33 18.25 -14.23
CA LEU C 42 -10.29 17.24 -13.78
C LEU C 42 -11.72 17.67 -14.05
N ALA C 43 -11.93 18.93 -14.43
CA ALA C 43 -13.28 19.45 -14.59
C ALA C 43 -13.93 18.93 -15.87
N LYS C 44 -15.26 18.80 -15.82
CA LYS C 44 -16.06 18.28 -16.93
C LYS C 44 -17.02 19.32 -17.50
N ASP C 45 -17.09 20.51 -16.91
CA ASP C 45 -17.98 21.56 -17.38
C ASP C 45 -17.17 22.74 -17.88
N THR C 46 -17.83 23.64 -18.61
CA THR C 46 -17.14 24.81 -19.15
C THR C 46 -17.16 25.95 -18.14
N THR C 47 -18.15 25.95 -17.24
CA THR C 47 -18.36 27.06 -16.32
C THR C 47 -17.24 27.15 -15.28
N GLU C 48 -17.06 26.09 -14.49
CA GLU C 48 -16.05 26.09 -13.44
C GLU C 48 -14.65 26.11 -14.02
N ALA C 49 -14.48 25.53 -15.21
CA ALA C 49 -13.20 25.59 -15.91
C ALA C 49 -12.86 27.03 -16.27
N PHE C 50 -13.83 27.82 -16.73
CA PHE C 50 -13.50 29.20 -17.10
C PHE C 50 -13.35 30.08 -15.86
N GLU C 51 -14.05 29.76 -14.77
CA GLU C 51 -13.86 30.53 -13.53
C GLU C 51 -12.47 30.28 -12.93
N LYS C 52 -12.03 29.02 -12.90
CA LYS C 52 -10.68 28.76 -12.44
C LYS C 52 -9.64 29.25 -13.47
N MET C 53 -10.04 29.38 -14.74
CA MET C 53 -9.16 29.96 -15.73
C MET C 53 -8.93 31.44 -15.49
N VAL C 54 -9.98 32.18 -15.09
CA VAL C 54 -9.76 33.60 -14.81
C VAL C 54 -9.00 33.77 -13.50
N SER C 55 -9.11 32.80 -12.57
CA SER C 55 -8.26 32.83 -11.38
C SER C 55 -6.79 32.66 -11.72
N LEU C 56 -6.46 31.65 -12.54
CA LEU C 56 -5.07 31.42 -12.92
C LEU C 56 -4.52 32.56 -13.78
N LEU C 57 -5.35 33.14 -14.65
CA LEU C 57 -4.88 34.25 -15.47
C LEU C 57 -4.71 35.51 -14.64
N SER C 58 -5.51 35.68 -13.59
CA SER C 58 -5.31 36.81 -12.69
C SER C 58 -4.04 36.63 -11.87
N VAL C 59 -3.69 35.38 -11.57
CA VAL C 59 -2.41 35.11 -10.91
C VAL C 59 -1.25 35.49 -11.84
N LEU C 60 -1.37 35.17 -13.13
CA LEU C 60 -0.34 35.57 -14.09
C LEU C 60 -0.26 37.08 -14.23
N LEU C 61 -1.42 37.75 -14.29
CA LEU C 61 -1.43 39.18 -14.55
C LEU C 61 -1.20 39.97 -13.26
N SER C 62 -1.07 39.30 -12.12
CA SER C 62 -0.67 39.97 -10.89
C SER C 62 0.73 40.56 -11.02
N MET C 63 1.74 39.71 -11.26
CA MET C 63 3.05 40.24 -11.59
C MET C 63 3.08 40.65 -13.06
N GLN C 64 4.15 41.35 -13.45
CA GLN C 64 4.19 41.96 -14.77
C GLN C 64 4.44 40.93 -15.86
N GLY C 65 5.49 40.13 -15.70
CA GLY C 65 5.85 39.16 -16.71
C GLY C 65 6.46 39.77 -17.96
N THR D 85 11.55 30.70 -25.02
CA THR D 85 11.33 31.41 -23.75
C THR D 85 10.26 32.47 -23.90
N SER D 86 10.37 33.27 -24.96
CA SER D 86 9.45 34.38 -25.18
C SER D 86 8.25 33.95 -26.03
N ALA D 87 8.43 32.92 -26.86
CA ALA D 87 7.35 32.50 -27.76
C ALA D 87 6.22 31.78 -27.03
N MET D 88 6.49 31.25 -25.83
CA MET D 88 5.45 30.56 -25.09
C MET D 88 4.41 31.53 -24.55
N GLN D 89 4.80 32.77 -24.30
CA GLN D 89 3.81 33.80 -23.94
C GLN D 89 2.96 34.20 -25.14
N THR D 90 3.59 34.30 -26.32
CA THR D 90 2.85 34.65 -27.53
C THR D 90 1.88 33.55 -27.93
N MET D 91 2.26 32.28 -27.75
CA MET D 91 1.35 31.17 -28.05
C MET D 91 0.20 31.13 -27.05
N LEU D 92 0.48 31.44 -25.78
CA LEU D 92 -0.57 31.52 -24.76
C LEU D 92 -1.55 32.63 -25.06
N PHE D 93 -1.06 33.80 -25.49
CA PHE D 93 -1.98 34.89 -25.80
C PHE D 93 -2.73 34.66 -27.09
N THR D 94 -2.12 33.92 -28.03
CA THR D 94 -2.81 33.52 -29.25
C THR D 94 -4.01 32.62 -28.95
N MET D 95 -3.79 31.59 -28.13
CA MET D 95 -4.93 30.72 -27.81
C MET D 95 -5.88 31.36 -26.79
N LEU D 96 -5.43 32.39 -26.08
CA LEU D 96 -6.35 33.17 -25.25
C LEU D 96 -7.27 34.02 -26.10
N ARG D 97 -6.74 34.60 -27.18
CA ARG D 97 -7.59 35.31 -28.14
C ARG D 97 -8.49 34.33 -28.88
N LYS D 98 -8.02 33.10 -29.08
CA LYS D 98 -8.84 32.08 -29.73
C LYS D 98 -9.94 31.60 -28.80
N LEU D 99 -9.75 31.74 -27.48
CA LEU D 99 -10.78 31.34 -26.53
C LEU D 99 -12.00 32.24 -26.60
N ASP D 100 -11.79 33.56 -26.51
CA ASP D 100 -12.81 34.59 -26.67
C ASP D 100 -13.95 34.49 -25.65
N ASN D 101 -13.61 34.14 -24.41
CA ASN D 101 -14.55 34.32 -23.32
C ASN D 101 -14.51 35.77 -22.85
N ASP D 102 -15.65 36.26 -22.37
CA ASP D 102 -15.77 37.69 -22.07
C ASP D 102 -14.96 38.09 -20.85
N ALA D 103 -14.92 37.22 -19.84
CA ALA D 103 -14.17 37.53 -18.62
C ALA D 103 -12.67 37.59 -18.89
N LEU D 104 -12.16 36.68 -19.73
CA LEU D 104 -10.73 36.64 -20.01
C LEU D 104 -10.25 37.84 -20.80
N ASN D 105 -10.96 38.20 -21.90
CA ASN D 105 -10.56 39.37 -22.67
C ASN D 105 -10.81 40.66 -21.88
N ASN D 106 -11.81 40.65 -20.99
CA ASN D 106 -12.04 41.79 -20.11
C ASN D 106 -10.85 42.01 -19.18
N ILE D 107 -10.35 40.95 -18.56
CA ILE D 107 -9.21 41.07 -17.65
C ILE D 107 -7.95 41.46 -18.41
N ILE D 108 -7.74 40.92 -19.63
CA ILE D 108 -6.48 41.24 -20.30
C ILE D 108 -6.51 42.63 -20.91
N ASN D 109 -7.69 43.16 -21.26
CA ASN D 109 -7.69 44.51 -21.80
C ASN D 109 -7.78 45.55 -20.68
N ASN D 110 -8.25 45.16 -19.50
CA ASN D 110 -8.06 46.01 -18.34
C ASN D 110 -6.59 46.02 -17.92
N ALA D 111 -5.89 44.90 -18.11
CA ALA D 111 -4.46 44.87 -17.85
C ALA D 111 -3.68 45.61 -18.92
N ARG D 112 -4.26 45.77 -20.11
CA ARG D 112 -3.63 46.57 -21.15
C ARG D 112 -3.63 48.05 -20.78
N ASP D 113 -4.61 48.49 -19.99
CA ASP D 113 -4.73 49.89 -19.58
C ASP D 113 -4.01 50.18 -18.27
N GLY D 114 -3.59 49.16 -17.54
CA GLY D 114 -2.92 49.36 -16.27
C GLY D 114 -3.71 48.95 -15.05
N CYS D 115 -4.90 48.38 -15.23
CA CYS D 115 -5.69 47.86 -14.13
C CYS D 115 -5.21 46.46 -13.79
N VAL D 116 -4.57 46.32 -12.63
CA VAL D 116 -3.87 45.09 -12.26
C VAL D 116 -4.43 44.58 -10.93
N PRO D 117 -4.78 43.30 -10.82
CA PRO D 117 -5.14 42.77 -9.50
C PRO D 117 -3.90 42.42 -8.71
N LEU D 118 -3.94 42.70 -7.41
CA LEU D 118 -2.78 42.46 -6.56
C LEU D 118 -2.82 41.12 -5.83
N ASN D 119 -3.98 40.44 -5.83
CA ASN D 119 -4.09 39.13 -5.22
C ASN D 119 -4.81 38.19 -6.19
N ILE D 120 -4.95 36.94 -5.78
CA ILE D 120 -5.63 35.95 -6.59
C ILE D 120 -7.14 36.20 -6.54
N ILE D 121 -7.78 36.20 -7.72
CA ILE D 121 -9.22 36.46 -7.80
C ILE D 121 -9.98 35.30 -7.14
N PRO D 122 -10.85 35.55 -6.17
CA PRO D 122 -11.62 34.48 -5.56
C PRO D 122 -12.96 34.26 -6.23
N LEU D 123 -13.49 33.04 -6.16
CA LEU D 123 -14.78 32.72 -6.74
C LEU D 123 -15.87 32.51 -5.69
N THR D 124 -15.50 32.37 -4.43
CA THR D 124 -16.45 32.28 -3.34
C THR D 124 -17.12 33.63 -3.13
N THR D 125 -18.41 33.62 -2.83
CA THR D 125 -19.14 34.85 -2.56
C THR D 125 -18.69 35.45 -1.24
N ALA D 126 -18.57 36.79 -1.24
CA ALA D 126 -18.05 37.60 -0.12
C ALA D 126 -16.62 37.20 0.25
N ALA D 127 -15.70 37.42 -0.68
CA ALA D 127 -14.27 37.25 -0.46
C ALA D 127 -13.53 38.46 -0.98
N LYS D 128 -12.38 38.76 -0.38
CA LYS D 128 -11.68 40.01 -0.63
C LYS D 128 -10.94 39.99 -1.97
N LEU D 129 -10.91 41.14 -2.64
CA LEU D 129 -10.20 41.30 -3.91
C LEU D 129 -9.47 42.63 -3.91
N MET D 130 -8.18 42.59 -4.20
CA MET D 130 -7.36 43.80 -4.35
C MET D 130 -7.14 44.06 -5.84
N VAL D 131 -7.31 45.31 -6.25
CA VAL D 131 -7.13 45.71 -7.64
C VAL D 131 -6.69 47.18 -7.65
N VAL D 132 -5.92 47.58 -8.66
CA VAL D 132 -5.40 48.94 -8.75
C VAL D 132 -6.02 49.60 -9.97
N ILE D 133 -6.18 50.91 -9.92
CA ILE D 133 -6.65 51.71 -11.05
C ILE D 133 -5.63 52.82 -11.30
N PRO D 134 -5.03 52.90 -12.49
CA PRO D 134 -3.87 53.79 -12.66
C PRO D 134 -4.22 55.23 -13.02
N ASP D 135 -5.35 55.47 -13.67
CA ASP D 135 -5.72 56.80 -14.14
C ASP D 135 -7.21 57.00 -13.93
N TYR D 136 -7.71 58.15 -14.36
CA TYR D 136 -9.10 58.48 -14.08
C TYR D 136 -10.04 57.95 -15.15
N ASN D 137 -9.57 57.76 -16.39
CA ASN D 137 -10.43 57.19 -17.41
C ASN D 137 -10.68 55.70 -17.15
N THR D 138 -9.69 55.01 -16.61
CA THR D 138 -9.88 53.66 -16.10
C THR D 138 -10.86 53.62 -14.94
N TYR D 139 -10.93 54.69 -14.14
CA TYR D 139 -11.96 54.77 -13.11
C TYR D 139 -13.33 55.04 -13.72
N LYS D 140 -13.37 55.81 -14.81
CA LYS D 140 -14.61 56.04 -15.55
C LYS D 140 -15.19 54.75 -16.10
N ASN D 141 -14.34 53.89 -16.65
CA ASN D 141 -14.84 52.64 -17.22
C ASN D 141 -15.07 51.59 -16.14
N THR D 142 -14.05 51.29 -15.34
CA THR D 142 -14.09 50.16 -14.42
C THR D 142 -14.96 50.40 -13.19
N CYS D 143 -14.84 51.56 -12.55
CA CYS D 143 -15.64 51.83 -11.36
C CYS D 143 -17.03 52.30 -11.77
N ASP D 144 -18.05 51.70 -11.16
CA ASP D 144 -19.44 51.94 -11.54
C ASP D 144 -20.24 52.30 -10.29
N GLY D 145 -20.20 53.57 -9.90
CA GLY D 145 -21.00 54.03 -8.79
C GLY D 145 -20.52 53.47 -7.46
N THR D 146 -21.35 52.61 -6.87
CA THR D 146 -21.02 51.97 -5.60
C THR D 146 -20.67 50.49 -5.76
N THR D 147 -20.83 49.92 -6.96
CA THR D 147 -20.52 48.52 -7.19
C THR D 147 -19.92 48.38 -8.57
N PHE D 148 -18.64 48.00 -8.63
CA PHE D 148 -17.90 48.04 -9.88
C PHE D 148 -17.72 46.63 -10.45
N THR D 149 -17.59 46.58 -11.77
CA THR D 149 -17.57 45.32 -12.51
C THR D 149 -16.12 44.88 -12.75
N TYR D 150 -15.89 43.58 -12.69
CA TYR D 150 -14.57 43.01 -12.90
C TYR D 150 -14.75 41.51 -13.15
N ALA D 151 -14.09 41.03 -14.22
CA ALA D 151 -14.14 39.63 -14.66
C ALA D 151 -15.58 39.16 -14.92
N SER D 152 -16.37 40.07 -15.51
CA SER D 152 -17.82 39.89 -15.75
C SER D 152 -18.57 39.55 -14.47
N ALA D 153 -18.20 40.20 -13.38
CA ALA D 153 -18.88 40.07 -12.10
C ALA D 153 -18.81 41.40 -11.38
N LEU D 154 -19.82 41.67 -10.57
CA LEU D 154 -19.91 42.94 -9.85
C LEU D 154 -19.29 42.79 -8.47
N TRP D 155 -18.65 43.85 -8.00
CA TRP D 155 -17.94 43.82 -6.72
C TRP D 155 -18.26 45.08 -5.93
N GLU D 156 -18.57 44.91 -4.65
CA GLU D 156 -18.93 46.02 -3.78
C GLU D 156 -17.69 46.70 -3.23
N ILE D 157 -17.52 47.98 -3.55
CA ILE D 157 -16.38 48.76 -3.08
C ILE D 157 -16.55 49.03 -1.59
N GLN D 158 -15.47 48.81 -0.82
CA GLN D 158 -15.46 49.07 0.62
C GLN D 158 -14.46 50.13 1.04
N GLN D 159 -13.21 50.03 0.61
CA GLN D 159 -12.16 50.87 1.16
C GLN D 159 -11.07 51.07 0.10
N VAL D 160 -10.53 52.29 0.05
CA VAL D 160 -9.57 52.69 -0.97
C VAL D 160 -8.32 53.23 -0.29
N VAL D 161 -7.15 52.84 -0.81
CA VAL D 161 -5.85 53.36 -0.39
C VAL D 161 -5.20 54.00 -1.61
N ASP D 162 -4.77 55.25 -1.47
CA ASP D 162 -4.11 55.97 -2.55
C ASP D 162 -2.59 55.83 -2.49
N ALA D 163 -2.10 54.76 -1.86
CA ALA D 163 -0.70 54.39 -1.61
C ALA D 163 0.04 55.42 -0.73
N ASP D 164 -0.67 56.36 -0.12
CA ASP D 164 -0.10 57.31 0.82
C ASP D 164 -0.72 57.20 2.21
N SER D 165 -1.39 56.07 2.49
CA SER D 165 -2.08 55.78 3.76
C SER D 165 -3.14 56.83 4.08
N LYS D 166 -3.81 57.30 3.02
CA LYS D 166 -4.93 58.23 3.14
C LYS D 166 -6.19 57.51 2.72
N ILE D 167 -7.10 57.28 3.70
CA ILE D 167 -8.26 56.46 3.43
C ILE D 167 -9.30 57.28 2.68
N VAL D 168 -9.53 56.91 1.42
CA VAL D 168 -10.31 57.72 0.49
C VAL D 168 -11.74 57.21 0.51
N GLN D 169 -12.69 58.14 0.67
CA GLN D 169 -14.10 57.78 0.65
C GLN D 169 -14.60 57.64 -0.79
N LEU D 170 -15.86 57.25 -0.92
CA LEU D 170 -16.47 57.20 -2.24
C LEU D 170 -16.99 58.57 -2.68
N SER D 171 -17.36 59.42 -1.72
CA SER D 171 -17.86 60.76 -2.02
C SER D 171 -16.74 61.76 -2.26
N GLU D 172 -15.49 61.40 -1.98
CA GLU D 172 -14.38 62.35 -2.09
C GLU D 172 -14.00 62.60 -3.54
N ILE D 173 -13.60 61.56 -4.26
CA ILE D 173 -13.05 61.74 -5.59
C ILE D 173 -14.17 61.98 -6.60
N SER D 174 -14.02 63.04 -7.38
CA SER D 174 -14.82 63.28 -8.57
C SER D 174 -13.90 63.84 -9.64
N MET D 175 -14.47 64.14 -10.81
CA MET D 175 -13.66 64.64 -11.91
C MET D 175 -13.29 66.10 -11.71
N ASP D 176 -13.93 66.78 -10.75
CA ASP D 176 -13.53 68.14 -10.42
C ASP D 176 -12.18 68.17 -9.70
N ASN D 177 -11.90 67.17 -8.88
CA ASN D 177 -10.68 67.08 -8.09
C ASN D 177 -9.92 65.78 -8.40
N SER D 178 -9.73 65.50 -9.68
CA SER D 178 -9.01 64.30 -10.10
C SER D 178 -7.54 64.21 -9.65
N PRO D 179 -6.75 65.30 -9.55
CA PRO D 179 -5.45 65.16 -8.87
C PRO D 179 -5.63 64.91 -7.38
N ASN D 180 -4.95 63.88 -6.89
CA ASN D 180 -5.04 63.49 -5.50
C ASN D 180 -3.67 63.46 -4.84
N TRP D 183 -0.12 58.59 -9.03
CA TRP D 183 -1.58 58.50 -8.87
C TRP D 183 -2.30 57.21 -8.35
N PRO D 184 -1.86 55.98 -8.69
CA PRO D 184 -2.82 54.85 -8.68
C PRO D 184 -3.26 54.43 -7.29
N LEU D 185 -4.53 54.03 -7.19
CA LEU D 185 -5.22 53.87 -5.92
C LEU D 185 -5.79 52.45 -5.81
N ILE D 186 -5.61 51.84 -4.64
CA ILE D 186 -5.86 50.41 -4.46
C ILE D 186 -7.20 50.23 -3.76
N VAL D 187 -8.09 49.45 -4.38
CA VAL D 187 -9.46 49.28 -3.93
C VAL D 187 -9.65 47.83 -3.47
N THR D 188 -10.28 47.65 -2.31
CA THR D 188 -10.75 46.34 -1.90
C THR D 188 -12.21 46.14 -2.31
N ALA D 189 -12.63 44.88 -2.34
CA ALA D 189 -13.95 44.56 -2.87
C ALA D 189 -14.42 43.22 -2.34
N LEU D 190 -15.71 42.95 -2.51
CA LEU D 190 -16.35 41.71 -2.10
C LEU D 190 -17.22 41.19 -3.23
N ARG D 191 -17.33 39.87 -3.34
CA ARG D 191 -18.12 39.27 -4.41
C ARG D 191 -19.61 39.38 -4.12
N ALA D 192 -20.36 39.86 -5.11
CA ALA D 192 -21.80 39.98 -5.00
C ALA D 192 -22.46 38.62 -5.12
#